data_2KDD
#
_entry.id   2KDD
#
_entity_poly.entity_id   1
_entity_poly.type   'polypeptide(L)'
_entity_poly.pdbx_seq_one_letter_code
;GSAGERIYNISGNGSPLADSKEIFLTVPVGGGESLRLLASDLQRHSIAQLDPEALGNIKKLSNRLAQICSSIRTHK
;
_entity_poly.pdbx_strand_id   A,B
#
# COMPACT_ATOMS: atom_id res chain seq x y z
N SER A 20 5.78 -1.03 -15.53
CA SER A 20 5.60 -1.05 -14.09
C SER A 20 6.54 -2.06 -13.43
N LYS A 21 7.61 -1.56 -12.83
CA LYS A 21 8.59 -2.41 -12.17
C LYS A 21 8.61 -2.16 -10.67
N GLU A 22 8.48 -0.89 -10.29
CA GLU A 22 8.49 -0.51 -8.88
C GLU A 22 7.07 -0.54 -8.31
N ILE A 23 6.98 -0.69 -6.99
CA ILE A 23 5.68 -0.74 -6.32
C ILE A 23 5.27 0.64 -5.83
N PHE A 24 3.99 0.97 -5.97
CA PHE A 24 3.46 2.25 -5.53
C PHE A 24 1.99 2.17 -5.20
N LEU A 25 1.49 3.21 -4.53
CA LEU A 25 0.08 3.27 -4.14
C LEU A 25 -0.63 4.40 -4.87
N THR A 26 -1.90 4.19 -5.20
CA THR A 26 -2.68 5.20 -5.92
C THR A 26 -3.80 5.74 -5.05
N VAL A 27 -3.62 6.96 -4.53
CA VAL A 27 -4.60 7.60 -3.69
C VAL A 27 -5.14 8.89 -4.33
N PRO A 28 -6.26 8.79 -5.08
CA PRO A 28 -6.86 9.95 -5.77
C PRO A 28 -7.19 11.09 -4.81
N VAL A 29 -6.48 12.21 -4.99
CA VAL A 29 -6.70 13.39 -4.15
C VAL A 29 -8.15 13.87 -4.25
N GLY A 30 -8.91 13.68 -3.18
CA GLY A 30 -10.30 14.09 -3.17
C GLY A 30 -11.19 13.15 -3.97
N GLY A 31 -11.11 13.25 -5.29
CA GLY A 31 -11.90 12.40 -6.16
C GLY A 31 -11.75 12.75 -7.62
N GLY A 32 -10.54 12.58 -8.15
CA GLY A 32 -10.28 12.89 -9.54
C GLY A 32 -8.96 12.32 -10.03
N GLU A 33 -7.90 13.12 -9.93
CA GLU A 33 -6.58 12.70 -10.38
C GLU A 33 -5.95 11.75 -9.36
N SER A 34 -5.46 10.62 -9.86
CA SER A 34 -4.82 9.63 -8.99
C SER A 34 -3.36 9.99 -8.74
N LEU A 35 -2.91 9.77 -7.52
CA LEU A 35 -1.53 10.08 -7.15
C LEU A 35 -0.61 8.88 -7.37
N ARG A 36 0.66 9.16 -7.64
CA ARG A 36 1.66 8.13 -7.87
C ARG A 36 2.77 8.25 -6.82
N LEU A 37 2.67 7.44 -5.77
CA LEU A 37 3.65 7.46 -4.69
C LEU A 37 4.36 6.12 -4.58
N LEU A 38 5.64 6.09 -4.96
CA LEU A 38 6.43 4.87 -4.90
C LEU A 38 6.78 4.49 -3.47
N ALA A 39 6.90 3.19 -3.22
CA ALA A 39 7.23 2.69 -1.90
C ALA A 39 8.71 2.84 -1.61
N SER A 40 9.50 3.10 -2.64
CA SER A 40 10.94 3.27 -2.49
C SER A 40 11.27 4.58 -1.78
N ASP A 41 10.24 5.38 -1.55
CA ASP A 41 10.40 6.65 -0.86
C ASP A 41 9.26 6.88 0.13
N LEU A 42 8.03 6.72 -0.34
CA LEU A 42 6.85 6.90 0.49
C LEU A 42 6.89 8.25 1.20
N GLN A 43 6.49 9.29 0.47
CA GLN A 43 6.48 10.65 1.01
C GLN A 43 5.37 10.82 2.04
N ARG A 44 5.73 11.34 3.21
CA ARG A 44 4.78 11.56 4.29
C ARG A 44 3.77 12.66 3.95
N HIS A 45 4.26 13.82 3.52
CA HIS A 45 3.40 14.95 3.19
C HIS A 45 2.38 14.57 2.11
N SER A 46 2.84 13.90 1.06
CA SER A 46 1.95 13.49 -0.03
C SER A 46 0.69 12.82 0.51
N ILE A 47 0.81 12.19 1.67
CA ILE A 47 -0.32 11.52 2.30
C ILE A 47 -1.02 12.43 3.31
N ALA A 48 -0.25 13.35 3.90
CA ALA A 48 -0.79 14.28 4.88
C ALA A 48 -1.48 15.47 4.22
N GLN A 49 -1.52 15.45 2.89
CA GLN A 49 -2.16 16.53 2.13
C GLN A 49 -3.42 16.03 1.44
N LEU A 50 -3.76 14.76 1.67
CA LEU A 50 -4.93 14.16 1.07
C LEU A 50 -6.21 14.65 1.73
N ASP A 51 -7.33 14.03 1.37
CA ASP A 51 -8.63 14.38 1.92
C ASP A 51 -8.98 13.49 3.10
N PRO A 52 -9.89 13.92 3.99
CA PRO A 52 -10.29 13.14 5.17
C PRO A 52 -10.70 11.71 4.81
N GLU A 53 -11.44 11.57 3.72
CA GLU A 53 -11.90 10.25 3.29
C GLU A 53 -10.73 9.38 2.83
N ALA A 54 -9.68 10.02 2.33
CA ALA A 54 -8.49 9.29 1.87
C ALA A 54 -7.70 8.72 3.04
N LEU A 55 -7.41 9.57 4.02
CA LEU A 55 -6.66 9.15 5.20
C LEU A 55 -7.24 7.89 5.81
N GLY A 56 -8.57 7.78 5.80
CA GLY A 56 -9.24 6.62 6.35
C GLY A 56 -8.88 5.35 5.59
N ASN A 57 -8.91 5.42 4.26
CA ASN A 57 -8.60 4.27 3.42
C ASN A 57 -7.18 3.80 3.64
N ILE A 58 -6.23 4.74 3.63
CA ILE A 58 -4.82 4.41 3.82
C ILE A 58 -4.61 3.66 5.13
N LYS A 59 -5.06 4.25 6.23
CA LYS A 59 -4.92 3.62 7.55
C LYS A 59 -5.37 2.17 7.52
N LYS A 60 -6.50 1.92 6.87
CA LYS A 60 -7.04 0.56 6.77
C LYS A 60 -6.17 -0.32 5.86
N LEU A 61 -5.56 0.30 4.86
CA LEU A 61 -4.70 -0.41 3.92
C LEU A 61 -3.53 -1.08 4.65
N SER A 62 -2.82 -0.30 5.46
CA SER A 62 -1.68 -0.81 6.21
C SER A 62 -2.11 -1.80 7.29
N ASN A 63 -3.21 -1.51 7.97
CA ASN A 63 -3.72 -2.39 9.02
C ASN A 63 -4.03 -3.78 8.48
N ARG A 64 -4.90 -3.83 7.47
CA ARG A 64 -5.30 -5.09 6.86
C ARG A 64 -4.11 -5.84 6.29
N LEU A 65 -3.24 -5.11 5.58
CA LEU A 65 -2.05 -5.71 4.98
C LEU A 65 -1.17 -6.37 6.04
N ALA A 66 -0.92 -5.66 7.13
CA ALA A 66 -0.08 -6.17 8.21
C ALA A 66 -0.56 -7.54 8.69
N GLN A 67 -1.87 -7.75 8.63
CA GLN A 67 -2.47 -9.02 9.07
C GLN A 67 -2.07 -10.15 8.12
N ILE A 68 -2.12 -9.88 6.82
CA ILE A 68 -1.77 -10.88 5.82
C ILE A 68 -0.34 -11.38 6.01
N CYS A 69 0.59 -10.45 6.21
CA CYS A 69 1.99 -10.80 6.42
C CYS A 69 2.15 -11.84 7.52
N SER A 70 1.72 -11.49 8.73
CA SER A 70 1.80 -12.40 9.86
C SER A 70 1.14 -13.73 9.56
N SER A 71 0.09 -13.70 8.74
CA SER A 71 -0.64 -14.91 8.39
C SER A 71 0.24 -15.85 7.55
N ILE A 72 1.15 -15.27 6.77
CA ILE A 72 2.04 -16.06 5.94
C ILE A 72 3.12 -16.74 6.77
N ARG A 73 3.51 -17.95 6.36
CA ARG A 73 4.53 -18.71 7.07
C ARG A 73 5.90 -18.53 6.42
N THR A 74 6.74 -17.71 7.04
CA THR A 74 8.08 -17.44 6.53
C THR A 74 9.13 -18.12 7.40
N HIS A 75 8.70 -18.68 8.52
CA HIS A 75 9.60 -19.37 9.44
C HIS A 75 9.52 -20.88 9.27
N LYS A 76 8.56 -21.32 8.45
CA LYS A 76 8.38 -22.75 8.20
C LYS A 76 9.15 -23.18 6.95
N SER B 20 -9.36 6.06 -12.31
CA SER B 20 -8.83 5.59 -11.04
C SER B 20 -9.52 6.28 -9.87
N LYS B 21 -10.43 5.56 -9.21
CA LYS B 21 -11.17 6.10 -8.08
C LYS B 21 -10.83 5.35 -6.80
N GLU B 22 -10.69 4.03 -6.92
CA GLU B 22 -10.36 3.19 -5.77
C GLU B 22 -8.84 3.08 -5.60
N ILE B 23 -8.42 2.78 -4.38
CA ILE B 23 -7.00 2.64 -4.07
C ILE B 23 -6.55 1.19 -4.20
N PHE B 24 -5.36 0.99 -4.76
CA PHE B 24 -4.81 -0.35 -4.94
C PHE B 24 -3.29 -0.33 -4.98
N LEU B 25 -2.69 -1.51 -4.84
CA LEU B 25 -1.24 -1.66 -4.85
C LEU B 25 -0.80 -2.44 -6.09
N THR B 26 0.36 -2.08 -6.62
CA THR B 26 0.89 -2.75 -7.81
C THR B 26 2.17 -3.52 -7.48
N VAL B 27 2.05 -4.85 -7.39
CA VAL B 27 3.19 -5.70 -7.09
C VAL B 27 3.47 -6.67 -8.24
N PRO B 28 4.37 -6.27 -9.16
CA PRO B 28 4.73 -7.10 -10.32
C PRO B 28 5.23 -8.49 -9.93
N VAL B 29 4.45 -9.51 -10.29
CA VAL B 29 4.81 -10.89 -9.98
C VAL B 29 6.15 -11.26 -10.61
N GLY B 30 7.17 -11.40 -9.76
CA GLY B 30 8.50 -11.75 -10.23
C GLY B 30 9.20 -10.57 -10.87
N GLY B 31 8.80 -10.21 -12.08
CA GLY B 31 9.40 -9.09 -12.77
C GLY B 31 8.86 -8.93 -14.19
N GLY B 32 7.58 -8.62 -14.29
CA GLY B 32 6.97 -8.45 -15.60
C GLY B 32 5.59 -7.81 -15.52
N GLU B 33 4.55 -8.63 -15.44
CA GLU B 33 3.19 -8.13 -15.37
C GLU B 33 2.87 -7.61 -13.97
N SER B 34 2.33 -6.39 -13.91
CA SER B 34 1.98 -5.78 -12.63
C SER B 34 0.61 -6.27 -12.17
N LEU B 35 0.48 -6.49 -10.86
CA LEU B 35 -0.77 -6.95 -10.29
C LEU B 35 -1.66 -5.79 -9.86
N ARG B 36 -2.97 -6.02 -9.88
CA ARG B 36 -3.93 -5.00 -9.48
C ARG B 36 -4.75 -5.51 -8.31
N LEU B 37 -4.36 -5.11 -7.10
CA LEU B 37 -5.05 -5.54 -5.90
C LEU B 37 -5.64 -4.34 -5.15
N LEU B 38 -6.97 -4.24 -5.17
CA LEU B 38 -7.65 -3.14 -4.51
C LEU B 38 -7.62 -3.29 -2.99
N ALA B 39 -7.61 -2.16 -2.29
CA ALA B 39 -7.58 -2.14 -0.84
C ALA B 39 -8.95 -2.45 -0.26
N SER B 40 -9.97 -2.36 -1.09
CA SER B 40 -11.35 -2.62 -0.66
C SER B 40 -11.54 -4.11 -0.36
N ASP B 41 -10.53 -4.91 -0.68
CA ASP B 41 -10.58 -6.35 -0.45
C ASP B 41 -9.26 -6.84 0.09
N LEU B 42 -8.17 -6.48 -0.59
CA LEU B 42 -6.83 -6.90 -0.20
C LEU B 42 -6.76 -8.41 -0.01
N GLN B 43 -6.61 -9.12 -1.11
CA GLN B 43 -6.53 -10.58 -1.09
C GLN B 43 -5.21 -11.05 -0.50
N ARG B 44 -5.31 -11.96 0.48
CA ARG B 44 -4.12 -12.49 1.15
C ARG B 44 -3.28 -13.37 0.21
N HIS B 45 -3.93 -14.33 -0.44
CA HIS B 45 -3.23 -15.24 -1.35
C HIS B 45 -2.49 -14.49 -2.45
N SER B 46 -3.16 -13.52 -3.07
CA SER B 46 -2.55 -12.73 -4.13
C SER B 46 -1.16 -12.23 -3.73
N ILE B 47 -0.96 -12.05 -2.42
CA ILE B 47 0.32 -11.57 -1.91
C ILE B 47 1.20 -12.75 -1.48
N ALA B 48 0.56 -13.84 -1.07
CA ALA B 48 1.27 -15.04 -0.62
C ALA B 48 1.72 -15.90 -1.81
N GLN B 49 1.43 -15.43 -3.02
CA GLN B 49 1.81 -16.15 -4.23
C GLN B 49 2.88 -15.40 -5.01
N LEU B 50 3.33 -14.28 -4.44
CA LEU B 50 4.35 -13.46 -5.07
C LEU B 50 5.73 -14.10 -4.96
N ASP B 51 6.74 -13.35 -5.36
CA ASP B 51 8.13 -13.83 -5.31
C ASP B 51 8.80 -13.38 -4.01
N PRO B 52 9.87 -14.05 -3.58
CA PRO B 52 10.60 -13.71 -2.35
C PRO B 52 10.97 -12.24 -2.28
N GLU B 53 11.43 -11.68 -3.41
CA GLU B 53 11.83 -10.29 -3.48
C GLU B 53 10.63 -9.36 -3.30
N ALA B 54 9.46 -9.83 -3.71
CA ALA B 54 8.24 -9.03 -3.59
C ALA B 54 7.79 -8.92 -2.14
N LEU B 55 7.70 -10.07 -1.46
CA LEU B 55 7.29 -10.10 -0.06
C LEU B 55 8.07 -9.10 0.78
N GLY B 56 9.36 -8.95 0.47
CA GLY B 56 10.19 -8.01 1.20
C GLY B 56 9.73 -6.58 1.03
N ASN B 57 9.43 -6.20 -0.21
CA ASN B 57 8.99 -4.85 -0.51
C ASN B 57 7.67 -4.53 0.21
N ILE B 58 6.71 -5.44 0.11
CA ILE B 58 5.41 -5.25 0.76
C ILE B 58 5.56 -5.00 2.26
N LYS B 59 6.24 -5.92 2.95
CA LYS B 59 6.46 -5.78 4.39
C LYS B 59 6.97 -4.38 4.74
N LYS B 60 7.92 -3.87 3.95
CA LYS B 60 8.49 -2.55 4.19
C LYS B 60 7.47 -1.46 3.88
N LEU B 61 6.59 -1.72 2.91
CA LEU B 61 5.56 -0.77 2.52
C LEU B 61 4.65 -0.43 3.69
N SER B 62 4.12 -1.47 4.34
CA SER B 62 3.23 -1.29 5.47
C SER B 62 3.95 -0.69 6.69
N ASN B 63 5.17 -1.16 6.92
CA ASN B 63 5.97 -0.68 8.05
C ASN B 63 6.21 0.81 7.96
N ARG B 64 6.81 1.24 6.85
CA ARG B 64 7.11 2.65 6.62
C ARG B 64 5.84 3.51 6.66
N LEU B 65 4.80 3.04 5.98
CA LEU B 65 3.53 3.75 5.94
C LEU B 65 2.97 3.98 7.34
N ALA B 66 2.95 2.93 8.15
CA ALA B 66 2.44 3.01 9.51
C ALA B 66 3.10 4.15 10.29
N GLN B 67 4.36 4.42 9.98
CA GLN B 67 5.10 5.48 10.66
C GLN B 67 4.55 6.85 10.29
N ILE B 68 4.26 7.05 9.01
CA ILE B 68 3.71 8.31 8.52
C ILE B 68 2.42 8.66 9.22
N CYS B 69 1.52 7.69 9.32
CA CYS B 69 0.22 7.89 9.97
C CYS B 69 0.40 8.49 11.36
N SER B 70 1.10 7.77 12.23
CA SER B 70 1.34 8.22 13.60
C SER B 70 1.98 9.60 13.61
N SER B 71 2.79 9.90 12.60
CA SER B 71 3.46 11.19 12.50
C SER B 71 2.46 12.32 12.28
N ILE B 72 1.36 12.01 11.61
CA ILE B 72 0.32 12.99 11.33
C ILE B 72 -0.48 13.31 12.59
N ARG B 73 -0.90 14.57 12.72
CA ARG B 73 -1.67 15.00 13.88
C ARG B 73 -3.16 15.00 13.57
N THR B 74 -3.87 13.98 14.07
CA THR B 74 -5.30 13.86 13.85
C THR B 74 -6.07 14.16 15.13
N HIS B 75 -5.35 14.33 16.23
CA HIS B 75 -5.96 14.61 17.52
C HIS B 75 -5.84 16.10 17.85
N LYS B 76 -5.10 16.83 17.03
CA LYS B 76 -4.91 18.25 17.23
C LYS B 76 -5.94 19.06 16.45
N SER A 20 5.48 -0.87 -15.58
CA SER A 20 5.91 -0.47 -14.24
C SER A 20 6.53 -1.65 -13.50
N LYS A 21 7.71 -1.42 -12.93
CA LYS A 21 8.42 -2.45 -12.18
C LYS A 21 8.50 -2.12 -10.70
N GLU A 22 8.22 -0.86 -10.37
CA GLU A 22 8.27 -0.41 -8.98
C GLU A 22 6.88 -0.47 -8.33
N ILE A 23 6.86 -0.62 -7.01
CA ILE A 23 5.60 -0.69 -6.27
C ILE A 23 5.20 0.69 -5.75
N PHE A 24 3.91 1.00 -5.84
CA PHE A 24 3.41 2.29 -5.38
C PHE A 24 1.92 2.22 -5.05
N LEU A 25 1.43 3.27 -4.40
CA LEU A 25 0.02 3.36 -4.01
C LEU A 25 -0.67 4.49 -4.75
N THR A 26 -1.95 4.31 -5.06
CA THR A 26 -2.71 5.34 -5.76
C THR A 26 -3.85 5.88 -4.90
N VAL A 27 -3.63 7.03 -4.28
CA VAL A 27 -4.63 7.66 -3.43
C VAL A 27 -5.15 8.95 -4.06
N PRO A 28 -6.33 8.91 -4.70
CA PRO A 28 -6.92 10.08 -5.36
C PRO A 28 -7.17 11.24 -4.39
N VAL A 29 -6.44 12.33 -4.58
CA VAL A 29 -6.58 13.51 -3.73
C VAL A 29 -7.98 14.11 -3.86
N GLY A 30 -8.82 13.85 -2.86
CA GLY A 30 -10.17 14.38 -2.88
C GLY A 30 -11.09 13.57 -3.77
N GLY A 31 -10.89 13.66 -5.08
CA GLY A 31 -11.71 12.92 -6.02
C GLY A 31 -11.59 13.45 -7.43
N GLY A 32 -10.59 12.97 -8.16
CA GLY A 32 -10.39 13.41 -9.53
C GLY A 32 -8.98 13.15 -10.02
N GLU A 33 -8.00 13.43 -9.18
CA GLU A 33 -6.60 13.22 -9.53
C GLU A 33 -5.95 12.19 -8.60
N SER A 34 -5.37 11.15 -9.21
CA SER A 34 -4.72 10.10 -8.44
C SER A 34 -3.25 10.41 -8.19
N LEU A 35 -2.79 10.17 -6.97
CA LEU A 35 -1.40 10.43 -6.61
C LEU A 35 -0.52 9.21 -6.88
N ARG A 36 0.72 9.47 -7.27
CA ARG A 36 1.66 8.40 -7.55
C ARG A 36 2.84 8.46 -6.59
N LEU A 37 2.80 7.62 -5.56
CA LEU A 37 3.86 7.59 -4.57
C LEU A 37 4.50 6.20 -4.49
N LEU A 38 5.78 6.14 -4.84
CA LEU A 38 6.51 4.87 -4.83
C LEU A 38 6.94 4.51 -3.41
N ALA A 39 6.86 3.21 -3.10
CA ALA A 39 7.23 2.71 -1.78
C ALA A 39 8.71 2.90 -1.51
N SER A 40 9.50 3.00 -2.58
CA SER A 40 10.94 3.18 -2.46
C SER A 40 11.26 4.58 -1.96
N ASP A 41 10.32 5.50 -2.16
CA ASP A 41 10.48 6.88 -1.73
C ASP A 41 9.19 7.43 -1.15
N LEU A 42 8.73 6.82 -0.06
CA LEU A 42 7.49 7.24 0.59
C LEU A 42 7.57 8.70 0.99
N GLN A 43 6.60 9.49 0.51
CA GLN A 43 6.56 10.92 0.81
C GLN A 43 5.47 11.22 1.85
N ARG A 44 5.86 11.92 2.91
CA ARG A 44 4.94 12.26 3.98
C ARG A 44 3.87 13.26 3.52
N HIS A 45 4.30 14.33 2.85
CA HIS A 45 3.37 15.35 2.37
C HIS A 45 2.33 14.75 1.43
N SER A 46 2.78 13.86 0.56
CA SER A 46 1.88 13.22 -0.40
C SER A 46 0.64 12.65 0.29
N ILE A 47 0.84 12.13 1.50
CA ILE A 47 -0.27 11.57 2.28
C ILE A 47 -0.82 12.60 3.27
N ALA A 48 -0.03 13.62 3.57
CA ALA A 48 -0.45 14.66 4.51
C ALA A 48 -1.24 15.76 3.81
N GLN A 49 -1.39 15.63 2.49
CA GLN A 49 -2.12 16.62 1.70
C GLN A 49 -3.44 16.04 1.19
N LEU A 50 -3.71 14.80 1.59
CA LEU A 50 -4.93 14.12 1.18
C LEU A 50 -6.15 14.69 1.91
N ASP A 51 -7.25 13.93 1.87
CA ASP A 51 -8.49 14.34 2.52
C ASP A 51 -8.86 13.35 3.63
N PRO A 52 -9.73 13.77 4.59
CA PRO A 52 -10.14 12.89 5.69
C PRO A 52 -10.59 11.52 5.20
N GLU A 53 -11.31 11.49 4.08
CA GLU A 53 -11.80 10.25 3.52
C GLU A 53 -10.64 9.35 3.07
N ALA A 54 -9.58 9.98 2.59
CA ALA A 54 -8.41 9.25 2.13
C ALA A 54 -7.63 8.63 3.30
N LEU A 55 -7.36 9.45 4.31
CA LEU A 55 -6.64 9.00 5.50
C LEU A 55 -7.26 7.71 6.05
N GLY A 56 -8.58 7.63 6.00
CA GLY A 56 -9.27 6.44 6.48
C GLY A 56 -8.94 5.21 5.67
N ASN A 57 -8.95 5.35 4.36
CA ASN A 57 -8.66 4.24 3.45
C ASN A 57 -7.24 3.69 3.70
N ILE A 58 -6.27 4.60 3.77
CA ILE A 58 -4.88 4.21 4.00
C ILE A 58 -4.75 3.39 5.28
N LYS A 59 -5.26 3.93 6.38
CA LYS A 59 -5.20 3.23 7.66
C LYS A 59 -5.68 1.78 7.55
N LYS A 60 -6.78 1.58 6.82
CA LYS A 60 -7.33 0.25 6.63
C LYS A 60 -6.42 -0.59 5.73
N LEU A 61 -5.75 0.07 4.79
CA LEU A 61 -4.86 -0.60 3.87
C LEU A 61 -3.72 -1.30 4.62
N SER A 62 -3.00 -0.53 5.44
CA SER A 62 -1.87 -1.07 6.20
C SER A 62 -2.34 -2.00 7.31
N ASN A 63 -3.47 -1.68 7.93
CA ASN A 63 -4.01 -2.49 9.02
C ASN A 63 -4.31 -3.91 8.55
N ARG A 64 -5.15 -4.02 7.52
CA ARG A 64 -5.52 -5.32 6.97
C ARG A 64 -4.31 -6.05 6.39
N LEU A 65 -3.47 -5.32 5.68
CA LEU A 65 -2.27 -5.91 5.07
C LEU A 65 -1.41 -6.60 6.12
N ALA A 66 -1.14 -5.91 7.21
CA ALA A 66 -0.34 -6.45 8.29
C ALA A 66 -0.88 -7.80 8.77
N GLN A 67 -2.20 -7.93 8.75
CA GLN A 67 -2.85 -9.17 9.17
C GLN A 67 -2.59 -10.30 8.18
N ILE A 68 -2.70 -9.97 6.89
CA ILE A 68 -2.47 -10.97 5.84
C ILE A 68 -1.05 -11.52 5.91
N CYS A 69 -0.09 -10.67 6.20
CA CYS A 69 1.31 -11.07 6.28
C CYS A 69 1.56 -12.01 7.46
N SER A 70 0.52 -12.25 8.25
CA SER A 70 0.64 -13.13 9.42
C SER A 70 0.43 -14.59 9.02
N SER A 71 -0.26 -14.80 7.90
CA SER A 71 -0.52 -16.14 7.42
C SER A 71 0.43 -16.52 6.28
N ILE A 72 1.58 -15.86 6.25
CA ILE A 72 2.57 -16.11 5.21
C ILE A 72 3.93 -16.46 5.83
N ARG A 73 4.63 -17.42 5.24
CA ARG A 73 5.93 -17.85 5.73
C ARG A 73 7.01 -17.64 4.66
N THR A 74 8.26 -17.79 5.07
CA THR A 74 9.37 -17.62 4.15
C THR A 74 10.32 -18.82 4.21
N HIS A 75 10.83 -19.22 3.05
CA HIS A 75 11.74 -20.36 2.96
C HIS A 75 13.14 -19.90 2.56
N LYS A 76 13.51 -18.71 3.00
CA LYS A 76 14.82 -18.15 2.69
C LYS A 76 15.88 -18.68 3.66
N SER B 20 -9.15 5.88 -12.44
CA SER B 20 -9.24 5.04 -11.26
C SER B 20 -9.60 5.86 -10.02
N LYS B 21 -10.61 5.40 -9.29
CA LYS B 21 -11.06 6.09 -8.09
C LYS B 21 -10.79 5.27 -6.84
N GLU B 22 -10.50 3.99 -7.03
CA GLU B 22 -10.21 3.09 -5.92
C GLU B 22 -8.71 2.99 -5.66
N ILE B 23 -8.35 2.68 -4.42
CA ILE B 23 -6.95 2.54 -4.04
C ILE B 23 -6.49 1.09 -4.14
N PHE B 24 -5.28 0.89 -4.65
CA PHE B 24 -4.74 -0.46 -4.79
C PHE B 24 -3.21 -0.44 -4.84
N LEU B 25 -2.63 -1.63 -4.73
CA LEU B 25 -1.18 -1.78 -4.76
C LEU B 25 -0.75 -2.58 -5.99
N THR B 26 0.43 -2.25 -6.53
CA THR B 26 0.94 -2.94 -7.72
C THR B 26 2.23 -3.68 -7.39
N VAL B 27 2.12 -4.99 -7.18
CA VAL B 27 3.27 -5.82 -6.86
C VAL B 27 3.56 -6.80 -8.00
N PRO B 28 4.54 -6.49 -8.87
CA PRO B 28 4.90 -7.34 -10.01
C PRO B 28 5.33 -8.75 -9.58
N VAL B 29 4.52 -9.74 -9.94
CA VAL B 29 4.82 -11.13 -9.62
C VAL B 29 6.10 -11.59 -10.29
N GLY B 30 7.17 -11.66 -9.51
CA GLY B 30 8.46 -12.09 -10.04
C GLY B 30 9.16 -10.98 -10.80
N GLY B 31 8.63 -10.63 -11.96
CA GLY B 31 9.23 -9.58 -12.77
C GLY B 31 8.74 -9.61 -14.21
N GLY B 32 7.61 -8.95 -14.46
CA GLY B 32 7.05 -8.91 -15.79
C GLY B 32 5.58 -8.55 -15.80
N GLU B 33 4.82 -9.15 -14.87
CA GLU B 33 3.40 -8.89 -14.77
C GLU B 33 3.05 -8.26 -13.43
N SER B 34 2.39 -7.11 -13.48
CA SER B 34 1.99 -6.40 -12.26
C SER B 34 0.62 -6.86 -11.78
N LEU B 35 0.49 -7.05 -10.46
CA LEU B 35 -0.78 -7.48 -9.88
C LEU B 35 -1.63 -6.28 -9.50
N ARG B 36 -2.95 -6.45 -9.62
CA ARG B 36 -3.88 -5.39 -9.28
C ARG B 36 -4.78 -5.82 -8.13
N LEU B 37 -4.44 -5.38 -6.92
CA LEU B 37 -5.22 -5.73 -5.74
C LEU B 37 -5.76 -4.49 -5.04
N LEU B 38 -7.08 -4.36 -5.03
CA LEU B 38 -7.73 -3.21 -4.40
C LEU B 38 -7.76 -3.37 -2.87
N ALA B 39 -7.55 -2.26 -2.18
CA ALA B 39 -7.55 -2.25 -0.72
C ALA B 39 -8.94 -2.59 -0.17
N SER B 40 -9.96 -2.34 -0.97
CA SER B 40 -11.34 -2.62 -0.57
C SER B 40 -11.59 -4.12 -0.51
N ASP B 41 -10.77 -4.87 -1.24
CA ASP B 41 -10.89 -6.33 -1.27
C ASP B 41 -9.51 -6.98 -1.26
N LEU B 42 -8.77 -6.76 -0.18
CA LEU B 42 -7.43 -7.32 -0.04
C LEU B 42 -7.46 -8.84 -0.16
N GLN B 43 -6.69 -9.37 -1.09
CA GLN B 43 -6.64 -10.81 -1.33
C GLN B 43 -5.34 -11.40 -0.77
N ARG B 44 -5.48 -12.44 0.06
CA ARG B 44 -4.34 -13.09 0.68
C ARG B 44 -3.47 -13.82 -0.34
N HIS B 45 -4.10 -14.61 -1.19
CA HIS B 45 -3.38 -15.37 -2.22
C HIS B 45 -2.58 -14.44 -3.14
N SER B 46 -3.19 -13.32 -3.51
CA SER B 46 -2.53 -12.35 -4.38
C SER B 46 -1.13 -12.01 -3.87
N ILE B 47 -1.00 -11.94 -2.55
CA ILE B 47 0.29 -11.63 -1.92
C ILE B 47 1.03 -12.90 -1.53
N ALA B 48 0.30 -14.00 -1.39
CA ALA B 48 0.89 -15.28 -1.01
C ALA B 48 1.42 -16.04 -2.22
N GLN B 49 1.24 -15.47 -3.40
CA GLN B 49 1.71 -16.10 -4.63
C GLN B 49 2.88 -15.33 -5.22
N LEU B 50 3.31 -14.29 -4.51
CA LEU B 50 4.41 -13.46 -4.96
C LEU B 50 5.75 -14.18 -4.80
N ASP B 51 6.83 -13.41 -4.85
CA ASP B 51 8.18 -13.96 -4.71
C ASP B 51 8.86 -13.40 -3.47
N PRO B 52 9.92 -14.07 -2.96
CA PRO B 52 10.64 -13.62 -1.76
C PRO B 52 11.02 -12.14 -1.85
N GLU B 53 11.43 -11.70 -3.04
CA GLU B 53 11.82 -10.32 -3.25
C GLU B 53 10.64 -9.38 -3.06
N ALA B 54 9.45 -9.85 -3.44
CA ALA B 54 8.23 -9.05 -3.31
C ALA B 54 7.82 -8.91 -1.85
N LEU B 55 7.77 -10.03 -1.15
CA LEU B 55 7.39 -10.04 0.26
C LEU B 55 8.18 -9.00 1.05
N GLY B 56 9.44 -8.83 0.70
CA GLY B 56 10.29 -7.87 1.38
C GLY B 56 9.83 -6.44 1.14
N ASN B 57 9.49 -6.13 -0.11
CA ASN B 57 9.03 -4.79 -0.47
C ASN B 57 7.76 -4.42 0.28
N ILE B 58 6.80 -5.34 0.30
CA ILE B 58 5.53 -5.11 0.98
C ILE B 58 5.76 -4.78 2.45
N LYS B 59 6.51 -5.63 3.14
CA LYS B 59 6.81 -5.42 4.55
C LYS B 59 7.30 -4.00 4.82
N LYS B 60 8.20 -3.53 3.96
CA LYS B 60 8.75 -2.18 4.10
C LYS B 60 7.68 -1.12 3.81
N LEU B 61 6.77 -1.45 2.89
CA LEU B 61 5.69 -0.54 2.51
C LEU B 61 4.81 -0.19 3.70
N SER B 62 4.29 -1.22 4.36
CA SER B 62 3.42 -1.03 5.52
C SER B 62 4.20 -0.51 6.73
N ASN B 63 5.43 -0.98 6.89
CA ASN B 63 6.25 -0.56 8.02
C ASN B 63 6.50 0.95 8.00
N ARG B 64 7.06 1.44 6.89
CA ARG B 64 7.33 2.86 6.75
C ARG B 64 6.06 3.69 6.79
N LEU B 65 5.03 3.21 6.10
CA LEU B 65 3.74 3.92 6.05
C LEU B 65 3.20 4.18 7.44
N ALA B 66 3.19 3.14 8.27
CA ALA B 66 2.70 3.26 9.64
C ALA B 66 3.41 4.37 10.39
N GLN B 67 4.70 4.56 10.09
CA GLN B 67 5.49 5.61 10.73
C GLN B 67 5.04 6.99 10.28
N ILE B 68 4.80 7.13 8.98
CA ILE B 68 4.37 8.41 8.42
C ILE B 68 3.04 8.86 9.02
N CYS B 69 2.13 7.91 9.23
CA CYS B 69 0.83 8.21 9.80
C CYS B 69 0.92 8.66 11.25
N SER B 70 2.14 8.68 11.79
CA SER B 70 2.36 9.09 13.17
C SER B 70 2.52 10.61 13.25
N SER B 71 2.92 11.22 12.14
CA SER B 71 3.12 12.66 12.09
C SER B 71 1.93 13.35 11.42
N ILE B 72 0.78 12.70 11.46
CA ILE B 72 -0.44 13.25 10.86
C ILE B 72 -1.57 13.30 11.88
N ARG B 73 -2.34 14.38 11.84
CA ARG B 73 -3.46 14.55 12.75
C ARG B 73 -4.77 14.67 11.99
N THR B 74 -5.88 14.62 12.72
CA THR B 74 -7.21 14.74 12.11
C THR B 74 -8.05 15.81 12.80
N HIS B 75 -8.81 16.55 12.01
CA HIS B 75 -9.66 17.61 12.55
C HIS B 75 -11.13 17.26 12.38
N LYS B 76 -11.44 15.98 12.48
CA LYS B 76 -12.81 15.50 12.33
C LYS B 76 -13.56 15.61 13.66
N SER A 20 6.85 -0.65 -15.25
CA SER A 20 7.93 0.10 -14.62
C SER A 20 8.65 -0.74 -13.58
N LYS A 21 8.07 -1.90 -13.27
CA LYS A 21 8.67 -2.82 -12.29
C LYS A 21 8.78 -2.16 -10.92
N GLU A 22 8.08 -1.04 -10.73
CA GLU A 22 8.12 -0.32 -9.47
C GLU A 22 6.75 -0.37 -8.79
N ILE A 23 6.76 -0.49 -7.47
CA ILE A 23 5.52 -0.54 -6.70
C ILE A 23 5.15 0.84 -6.16
N PHE A 24 3.88 1.19 -6.27
CA PHE A 24 3.40 2.49 -5.80
C PHE A 24 1.92 2.44 -5.43
N LEU A 25 1.46 3.48 -4.74
CA LEU A 25 0.07 3.58 -4.32
C LEU A 25 -0.61 4.77 -4.98
N THR A 26 -1.87 4.60 -5.37
CA THR A 26 -2.61 5.67 -6.02
C THR A 26 -3.75 6.16 -5.13
N VAL A 27 -3.54 7.29 -4.48
CA VAL A 27 -4.55 7.87 -3.59
C VAL A 27 -5.18 9.12 -4.20
N PRO A 28 -6.46 9.04 -4.62
CA PRO A 28 -7.16 10.18 -5.22
C PRO A 28 -7.37 11.32 -4.23
N VAL A 29 -6.69 12.43 -4.48
CA VAL A 29 -6.82 13.61 -3.61
C VAL A 29 -8.23 14.19 -3.67
N GLY A 30 -8.95 14.08 -2.56
CA GLY A 30 -10.31 14.60 -2.50
C GLY A 30 -11.23 13.93 -3.51
N GLY A 31 -11.36 14.54 -4.68
CA GLY A 31 -12.21 13.99 -5.72
C GLY A 31 -11.91 14.57 -7.08
N GLY A 32 -11.09 13.87 -7.86
CA GLY A 32 -10.74 14.34 -9.19
C GLY A 32 -9.40 13.81 -9.65
N GLU A 33 -8.33 14.39 -9.14
CA GLU A 33 -6.98 13.96 -9.51
C GLU A 33 -6.46 12.90 -8.55
N SER A 34 -5.39 12.21 -8.95
CA SER A 34 -4.80 11.16 -8.13
C SER A 34 -3.30 11.40 -7.94
N LEU A 35 -2.81 11.07 -6.75
CA LEU A 35 -1.40 11.25 -6.44
C LEU A 35 -0.59 9.99 -6.74
N ARG A 36 0.56 10.17 -7.38
CA ARG A 36 1.43 9.05 -7.72
C ARG A 36 2.64 9.03 -6.80
N LEU A 37 2.64 8.11 -5.85
CA LEU A 37 3.73 7.99 -4.89
C LEU A 37 4.34 6.59 -4.91
N LEU A 38 5.64 6.52 -5.14
CA LEU A 38 6.35 5.24 -5.18
C LEU A 38 6.75 4.81 -3.78
N ALA A 39 6.73 3.50 -3.54
CA ALA A 39 7.09 2.93 -2.25
C ALA A 39 8.58 3.10 -1.97
N SER A 40 9.37 3.25 -3.02
CA SER A 40 10.81 3.42 -2.88
C SER A 40 11.13 4.81 -2.35
N ASP A 41 10.18 5.72 -2.51
CA ASP A 41 10.34 7.10 -2.06
C ASP A 41 9.07 7.59 -1.37
N LEU A 42 8.60 6.83 -0.38
CA LEU A 42 7.39 7.17 0.35
C LEU A 42 7.46 8.59 0.89
N GLN A 43 6.62 9.47 0.33
CA GLN A 43 6.58 10.87 0.76
C GLN A 43 5.56 11.07 1.88
N ARG A 44 6.03 11.63 2.99
CA ARG A 44 5.18 11.88 4.15
C ARG A 44 4.10 12.92 3.86
N HIS A 45 4.50 14.06 3.31
CA HIS A 45 3.56 15.14 3.01
C HIS A 45 2.49 14.68 2.02
N SER A 46 2.91 13.94 1.00
CA SER A 46 1.99 13.42 -0.02
C SER A 46 0.75 12.79 0.62
N ILE A 47 0.93 12.21 1.80
CA ILE A 47 -0.17 11.57 2.51
C ILE A 47 -0.77 12.50 3.56
N ALA A 48 0.03 13.45 4.02
CA ALA A 48 -0.41 14.41 5.03
C ALA A 48 -1.17 15.57 4.42
N GLN A 49 -1.27 15.58 3.09
CA GLN A 49 -1.98 16.65 2.39
C GLN A 49 -3.28 16.13 1.77
N LEU A 50 -3.62 14.88 2.10
CA LEU A 50 -4.84 14.26 1.59
C LEU A 50 -6.08 14.77 2.32
N ASP A 51 -7.18 14.05 2.16
CA ASP A 51 -8.43 14.40 2.80
C ASP A 51 -8.86 13.32 3.79
N PRO A 52 -9.73 13.65 4.76
CA PRO A 52 -10.20 12.69 5.76
C PRO A 52 -10.62 11.36 5.15
N GLU A 53 -11.31 11.43 4.01
CA GLU A 53 -11.78 10.25 3.31
C GLU A 53 -10.60 9.36 2.89
N ALA A 54 -9.58 9.98 2.31
CA ALA A 54 -8.40 9.25 1.85
C ALA A 54 -7.65 8.61 3.02
N LEU A 55 -7.41 9.41 4.05
CA LEU A 55 -6.70 8.93 5.24
C LEU A 55 -7.29 7.62 5.73
N GLY A 56 -8.60 7.46 5.59
CA GLY A 56 -9.25 6.23 6.01
C GLY A 56 -8.85 5.05 5.15
N ASN A 57 -8.80 5.27 3.84
CA ASN A 57 -8.42 4.22 2.90
C ASN A 57 -6.99 3.75 3.13
N ILE A 58 -6.12 4.68 3.49
CA ILE A 58 -4.72 4.35 3.76
C ILE A 58 -4.58 3.55 5.06
N LYS A 59 -5.09 4.12 6.14
CA LYS A 59 -5.04 3.47 7.45
C LYS A 59 -5.50 2.02 7.36
N LYS A 60 -6.63 1.80 6.69
CA LYS A 60 -7.18 0.47 6.53
C LYS A 60 -6.32 -0.38 5.60
N LEU A 61 -5.72 0.29 4.62
CA LEU A 61 -4.86 -0.39 3.64
C LEU A 61 -3.68 -1.06 4.32
N SER A 62 -2.93 -0.29 5.10
CA SER A 62 -1.75 -0.81 5.80
C SER A 62 -2.15 -1.73 6.96
N ASN A 63 -3.24 -1.41 7.63
CA ASN A 63 -3.71 -2.20 8.77
C ASN A 63 -4.04 -3.63 8.33
N ARG A 64 -4.94 -3.75 7.37
CA ARG A 64 -5.35 -5.06 6.86
C ARG A 64 -4.18 -5.82 6.25
N LEU A 65 -3.38 -5.12 5.46
CA LEU A 65 -2.23 -5.72 4.80
C LEU A 65 -1.26 -6.33 5.82
N ALA A 66 -0.95 -5.56 6.86
CA ALA A 66 -0.04 -6.02 7.91
C ALA A 66 -0.56 -7.29 8.57
N GLN A 67 -1.88 -7.38 8.72
CA GLN A 67 -2.50 -8.54 9.34
C GLN A 67 -2.24 -9.81 8.51
N ILE A 68 -2.45 -9.70 7.21
CA ILE A 68 -2.25 -10.82 6.30
C ILE A 68 -0.79 -11.29 6.32
N CYS A 69 0.13 -10.32 6.33
CA CYS A 69 1.56 -10.64 6.34
C CYS A 69 1.97 -11.30 7.65
N SER A 70 1.05 -11.35 8.61
CA SER A 70 1.32 -11.95 9.90
C SER A 70 1.02 -13.45 9.88
N SER A 71 0.11 -13.84 8.98
CA SER A 71 -0.27 -15.24 8.84
C SER A 71 0.65 -15.96 7.86
N ILE A 72 1.66 -15.25 7.36
CA ILE A 72 2.60 -15.82 6.41
C ILE A 72 3.89 -16.23 7.11
N ARG A 73 4.54 -17.26 6.60
CA ARG A 73 5.79 -17.75 7.18
C ARG A 73 6.92 -17.71 6.15
N THR A 74 8.02 -17.05 6.52
CA THR A 74 9.18 -16.94 5.63
C THR A 74 10.19 -18.03 5.92
N HIS A 75 10.23 -18.50 7.17
CA HIS A 75 11.16 -19.55 7.56
C HIS A 75 10.71 -20.92 7.06
N LYS A 76 11.65 -21.70 6.57
CA LYS A 76 11.35 -23.03 6.04
C LYS A 76 12.36 -24.06 6.57
N SER B 20 -10.43 5.49 -11.86
CA SER B 20 -11.35 4.52 -11.28
C SER B 20 -11.75 4.92 -9.86
N LYS B 21 -11.06 5.93 -9.33
CA LYS B 21 -11.34 6.43 -7.98
C LYS B 21 -11.14 5.34 -6.94
N GLU B 22 -10.48 4.25 -7.33
CA GLU B 22 -10.21 3.15 -6.42
C GLU B 22 -8.72 3.02 -6.13
N ILE B 23 -8.39 2.68 -4.89
CA ILE B 23 -6.99 2.53 -4.48
C ILE B 23 -6.57 1.07 -4.56
N PHE B 24 -5.38 0.83 -5.11
CA PHE B 24 -4.86 -0.52 -5.23
C PHE B 24 -3.33 -0.53 -5.25
N LEU B 25 -2.76 -1.72 -5.10
CA LEU B 25 -1.31 -1.90 -5.10
C LEU B 25 -0.88 -2.77 -6.28
N THR B 26 0.25 -2.41 -6.89
CA THR B 26 0.77 -3.16 -8.03
C THR B 26 2.06 -3.87 -7.67
N VAL B 27 1.97 -5.17 -7.42
CA VAL B 27 3.14 -5.97 -7.06
C VAL B 27 3.54 -6.90 -8.19
N PRO B 28 4.68 -6.62 -8.87
CA PRO B 28 5.15 -7.46 -9.98
C PRO B 28 5.56 -8.86 -9.53
N VAL B 29 4.80 -9.86 -9.96
CA VAL B 29 5.08 -11.25 -9.60
C VAL B 29 6.40 -11.71 -10.21
N GLY B 30 7.38 -11.94 -9.35
CA GLY B 30 8.68 -12.39 -9.82
C GLY B 30 9.36 -11.38 -10.73
N GLY B 31 9.16 -11.55 -12.04
CA GLY B 31 9.75 -10.64 -13.00
C GLY B 31 9.09 -10.74 -14.36
N GLY B 32 8.13 -9.85 -14.62
CA GLY B 32 7.44 -9.86 -15.89
C GLY B 32 6.05 -9.26 -15.79
N GLU B 33 5.11 -10.02 -15.26
CA GLU B 33 3.73 -9.56 -15.11
C GLU B 33 3.51 -8.91 -13.75
N SER B 34 2.42 -8.18 -13.61
CA SER B 34 2.10 -7.50 -12.35
C SER B 34 0.69 -7.86 -11.89
N LEU B 35 0.52 -7.97 -10.57
CA LEU B 35 -0.77 -8.31 -10.00
C LEU B 35 -1.57 -7.06 -9.64
N ARG B 36 -2.85 -7.07 -10.00
CA ARG B 36 -3.73 -5.94 -9.71
C ARG B 36 -4.66 -6.29 -8.56
N LEU B 37 -4.39 -5.74 -7.38
CA LEU B 37 -5.20 -6.02 -6.20
C LEU B 37 -5.72 -4.73 -5.58
N LEU B 38 -7.04 -4.64 -5.44
CA LEU B 38 -7.67 -3.46 -4.87
C LEU B 38 -7.70 -3.54 -3.34
N ALA B 39 -7.55 -2.38 -2.69
CA ALA B 39 -7.55 -2.32 -1.24
C ALA B 39 -8.93 -2.64 -0.66
N SER B 40 -9.97 -2.45 -1.48
CA SER B 40 -11.34 -2.73 -1.05
C SER B 40 -11.57 -4.23 -0.96
N ASP B 41 -10.73 -4.99 -1.65
CA ASP B 41 -10.83 -6.45 -1.67
C ASP B 41 -9.44 -7.07 -1.53
N LEU B 42 -8.72 -6.68 -0.49
CA LEU B 42 -7.38 -7.20 -0.26
C LEU B 42 -7.37 -8.73 -0.23
N GLN B 43 -6.73 -9.32 -1.24
CA GLN B 43 -6.65 -10.77 -1.34
C GLN B 43 -5.40 -11.29 -0.65
N ARG B 44 -5.59 -12.23 0.27
CA ARG B 44 -4.49 -12.81 1.03
C ARG B 44 -3.56 -13.64 0.14
N HIS B 45 -4.14 -14.54 -0.64
CA HIS B 45 -3.36 -15.41 -1.52
C HIS B 45 -2.55 -14.59 -2.53
N SER B 46 -3.18 -13.56 -3.09
CA SER B 46 -2.53 -12.70 -4.08
C SER B 46 -1.14 -12.27 -3.59
N ILE B 47 -0.98 -12.13 -2.28
CA ILE B 47 0.29 -11.72 -1.69
C ILE B 47 1.08 -12.92 -1.21
N ALA B 48 0.38 -14.01 -0.91
CA ALA B 48 1.02 -15.23 -0.43
C ALA B 48 1.55 -16.08 -1.59
N GLN B 49 1.32 -15.63 -2.81
CA GLN B 49 1.78 -16.36 -3.99
C GLN B 49 2.91 -15.60 -4.69
N LEU B 50 3.37 -14.53 -4.06
CA LEU B 50 4.44 -13.71 -4.62
C LEU B 50 5.80 -14.39 -4.44
N ASP B 51 6.85 -13.61 -4.62
CA ASP B 51 8.22 -14.10 -4.48
C ASP B 51 8.93 -13.40 -3.31
N PRO B 52 10.00 -14.01 -2.76
CA PRO B 52 10.75 -13.42 -1.65
C PRO B 52 11.07 -11.95 -1.86
N GLU B 53 11.42 -11.60 -3.09
CA GLU B 53 11.76 -10.22 -3.43
C GLU B 53 10.56 -9.29 -3.23
N ALA B 54 9.39 -9.73 -3.70
CA ALA B 54 8.18 -8.94 -3.57
C ALA B 54 7.78 -8.77 -2.11
N LEU B 55 7.77 -9.89 -1.38
CA LEU B 55 7.41 -9.87 0.04
C LEU B 55 8.15 -8.77 0.79
N GLY B 56 9.39 -8.52 0.38
CA GLY B 56 10.18 -7.48 1.02
C GLY B 56 9.63 -6.10 0.74
N ASN B 57 9.24 -5.86 -0.51
CA ASN B 57 8.69 -4.58 -0.92
C ASN B 57 7.38 -4.28 -0.18
N ILE B 58 6.57 -5.31 0.05
CA ILE B 58 5.31 -5.15 0.75
C ILE B 58 5.54 -4.86 2.23
N LYS B 59 6.28 -5.74 2.89
CA LYS B 59 6.58 -5.57 4.32
C LYS B 59 7.07 -4.16 4.61
N LYS B 60 8.01 -3.68 3.79
CA LYS B 60 8.56 -2.34 3.97
C LYS B 60 7.53 -1.26 3.63
N LEU B 61 6.68 -1.58 2.66
CA LEU B 61 5.63 -0.66 2.22
C LEU B 61 4.68 -0.31 3.37
N SER B 62 4.12 -1.33 4.00
CA SER B 62 3.18 -1.13 5.10
C SER B 62 3.89 -0.65 6.36
N ASN B 63 5.11 -1.14 6.59
CA ASN B 63 5.88 -0.75 7.78
C ASN B 63 6.16 0.75 7.79
N ARG B 64 6.79 1.24 6.73
CA ARG B 64 7.12 2.66 6.61
C ARG B 64 5.87 3.52 6.61
N LEU B 65 4.87 3.10 5.85
CA LEU B 65 3.61 3.84 5.75
C LEU B 65 2.96 4.01 7.13
N ALA B 66 2.89 2.93 7.88
CA ALA B 66 2.30 2.95 9.22
C ALA B 66 3.02 3.94 10.12
N GLN B 67 4.34 4.04 9.96
CA GLN B 67 5.14 4.95 10.76
C GLN B 67 4.74 6.40 10.51
N ILE B 68 4.61 6.76 9.23
CA ILE B 68 4.24 8.12 8.86
C ILE B 68 2.85 8.48 9.39
N CYS B 69 1.91 7.53 9.30
CA CYS B 69 0.55 7.76 9.77
C CYS B 69 0.52 7.92 11.29
N SER B 70 1.65 7.67 11.94
CA SER B 70 1.74 7.79 13.40
C SER B 70 2.09 9.22 13.79
N SER B 71 2.76 9.94 12.89
CA SER B 71 3.15 11.32 13.14
C SER B 71 2.05 12.28 12.73
N ILE B 72 0.92 11.74 12.29
CA ILE B 72 -0.21 12.55 11.86
C ILE B 72 -1.27 12.64 12.97
N ARG B 73 -1.98 13.76 13.01
CA ARG B 73 -3.01 13.96 14.01
C ARG B 73 -4.37 14.21 13.35
N THR B 74 -5.36 13.43 13.75
CA THR B 74 -6.71 13.57 13.19
C THR B 74 -7.58 14.45 14.08
N HIS B 75 -7.28 14.47 15.38
CA HIS B 75 -8.03 15.26 16.33
C HIS B 75 -7.66 16.75 16.23
N LYS B 76 -8.67 17.61 16.28
CA LYS B 76 -8.44 19.05 16.19
C LYS B 76 -9.24 19.78 17.27
N SER A 20 6.24 -2.53 -15.27
CA SER A 20 6.03 -1.94 -13.95
C SER A 20 6.75 -2.75 -12.88
N LYS A 21 7.96 -2.31 -12.53
CA LYS A 21 8.76 -2.99 -11.51
C LYS A 21 8.62 -2.32 -10.15
N GLU A 22 8.74 -1.00 -10.15
CA GLU A 22 8.62 -0.23 -8.90
C GLU A 22 7.19 -0.28 -8.37
N ILE A 23 7.07 -0.41 -7.05
CA ILE A 23 5.77 -0.46 -6.41
C ILE A 23 5.35 0.91 -5.91
N PHE A 24 4.05 1.22 -6.03
CA PHE A 24 3.53 2.51 -5.59
C PHE A 24 2.03 2.42 -5.28
N LEU A 25 1.54 3.47 -4.62
CA LEU A 25 0.13 3.54 -4.24
C LEU A 25 -0.56 4.70 -4.97
N THR A 26 -1.82 4.51 -5.31
CA THR A 26 -2.58 5.54 -6.02
C THR A 26 -3.79 6.01 -5.21
N VAL A 27 -3.63 7.13 -4.52
CA VAL A 27 -4.70 7.68 -3.69
C VAL A 27 -5.28 8.95 -4.35
N PRO A 28 -6.57 8.91 -4.76
CA PRO A 28 -7.22 10.06 -5.39
C PRO A 28 -7.46 11.22 -4.42
N VAL A 29 -6.77 12.33 -4.66
CA VAL A 29 -6.91 13.51 -3.82
C VAL A 29 -8.34 14.05 -3.87
N GLY A 30 -9.06 13.89 -2.76
CA GLY A 30 -10.43 14.36 -2.69
C GLY A 30 -11.32 13.70 -3.74
N GLY A 31 -11.47 14.36 -4.88
CA GLY A 31 -12.30 13.82 -5.95
C GLY A 31 -11.95 14.41 -7.30
N GLY A 32 -11.04 13.75 -8.02
CA GLY A 32 -10.64 14.22 -9.33
C GLY A 32 -9.29 13.69 -9.76
N GLU A 33 -8.23 14.25 -9.19
CA GLU A 33 -6.86 13.82 -9.52
C GLU A 33 -6.40 12.70 -8.60
N SER A 34 -5.35 12.00 -9.00
CA SER A 34 -4.81 10.90 -8.21
C SER A 34 -3.32 11.10 -7.95
N LEU A 35 -2.87 10.72 -6.75
CA LEU A 35 -1.48 10.86 -6.37
C LEU A 35 -0.73 9.53 -6.42
N ARG A 36 0.39 9.53 -7.14
CA ARG A 36 1.21 8.33 -7.27
C ARG A 36 2.48 8.46 -6.43
N LEU A 37 2.61 7.60 -5.42
CA LEU A 37 3.78 7.63 -4.55
C LEU A 37 4.48 6.28 -4.51
N LEU A 38 5.75 6.28 -4.90
CA LEU A 38 6.54 5.05 -4.92
C LEU A 38 6.94 4.64 -3.51
N ALA A 39 7.10 3.34 -3.30
CA ALA A 39 7.47 2.79 -1.99
C ALA A 39 8.95 3.06 -1.70
N SER A 40 9.76 3.11 -2.75
CA SER A 40 11.18 3.35 -2.60
C SER A 40 11.43 4.74 -2.02
N ASP A 41 10.44 5.62 -2.19
CA ASP A 41 10.53 6.97 -1.69
C ASP A 41 9.20 7.41 -1.07
N LEU A 42 8.71 6.61 -0.13
CA LEU A 42 7.45 6.91 0.55
C LEU A 42 7.48 8.29 1.20
N GLN A 43 6.87 9.27 0.54
CA GLN A 43 6.83 10.63 1.05
C GLN A 43 5.71 10.81 2.08
N ARG A 44 6.07 11.38 3.23
CA ARG A 44 5.10 11.61 4.30
C ARG A 44 4.06 12.65 3.91
N HIS A 45 4.53 13.83 3.51
CA HIS A 45 3.64 14.92 3.12
C HIS A 45 2.66 14.48 2.03
N SER A 46 3.18 13.76 1.04
CA SER A 46 2.35 13.28 -0.06
C SER A 46 1.07 12.61 0.43
N ILE A 47 1.16 12.00 1.61
CA ILE A 47 0.01 11.32 2.20
C ILE A 47 -0.69 12.22 3.23
N ALA A 48 0.06 13.15 3.79
CA ALA A 48 -0.48 14.07 4.79
C ALA A 48 -1.20 15.25 4.14
N GLN A 49 -1.24 15.25 2.80
CA GLN A 49 -1.90 16.33 2.06
C GLN A 49 -3.15 15.81 1.35
N LEU A 50 -3.46 14.54 1.57
CA LEU A 50 -4.63 13.91 0.95
C LEU A 50 -5.93 14.42 1.59
N ASP A 51 -7.04 13.81 1.17
CA ASP A 51 -8.35 14.19 1.69
C ASP A 51 -8.65 13.43 2.99
N PRO A 52 -9.30 14.09 3.96
CA PRO A 52 -9.64 13.47 5.25
C PRO A 52 -10.18 12.04 5.09
N GLU A 53 -11.08 11.86 4.13
CA GLU A 53 -11.67 10.55 3.87
C GLU A 53 -10.61 9.56 3.38
N ALA A 54 -9.75 10.02 2.48
CA ALA A 54 -8.69 9.18 1.94
C ALA A 54 -7.78 8.65 3.04
N LEU A 55 -7.42 9.52 3.97
CA LEU A 55 -6.56 9.15 5.09
C LEU A 55 -7.07 7.89 5.78
N GLY A 56 -8.39 7.73 5.80
CA GLY A 56 -8.98 6.57 6.43
C GLY A 56 -8.69 5.30 5.67
N ASN A 57 -8.79 5.37 4.34
CA ASN A 57 -8.53 4.22 3.48
C ASN A 57 -7.10 3.72 3.67
N ILE A 58 -6.15 4.64 3.69
CA ILE A 58 -4.74 4.29 3.87
C ILE A 58 -4.54 3.50 5.16
N LYS A 59 -5.03 4.06 6.28
CA LYS A 59 -4.89 3.40 7.57
C LYS A 59 -5.32 1.94 7.50
N LYS A 60 -6.45 1.69 6.83
CA LYS A 60 -6.97 0.34 6.68
C LYS A 60 -6.09 -0.49 5.76
N LEU A 61 -5.48 0.18 4.78
CA LEU A 61 -4.60 -0.48 3.82
C LEU A 61 -3.40 -1.11 4.51
N SER A 62 -2.66 -0.30 5.26
CA SER A 62 -1.47 -0.77 5.96
C SER A 62 -1.80 -1.72 7.09
N ASN A 63 -2.86 -1.41 7.85
CA ASN A 63 -3.27 -2.24 8.97
C ASN A 63 -3.63 -3.65 8.51
N ARG A 64 -4.57 -3.76 7.58
CA ARG A 64 -5.01 -5.05 7.07
C ARG A 64 -3.86 -5.80 6.38
N LEU A 65 -3.12 -5.11 5.53
CA LEU A 65 -2.01 -5.72 4.79
C LEU A 65 -0.96 -6.25 5.75
N ALA A 66 -0.56 -5.44 6.73
CA ALA A 66 0.44 -5.84 7.71
C ALA A 66 0.05 -7.14 8.41
N GLN A 67 -1.26 -7.35 8.54
CA GLN A 67 -1.76 -8.56 9.20
C GLN A 67 -1.53 -9.78 8.32
N ILE A 68 -1.78 -9.63 7.03
CA ILE A 68 -1.59 -10.73 6.08
C ILE A 68 -0.13 -11.14 5.98
N CYS A 69 0.75 -10.14 5.84
CA CYS A 69 2.19 -10.41 5.73
C CYS A 69 2.74 -11.01 7.01
N SER A 70 1.91 -11.03 8.05
CA SER A 70 2.32 -11.58 9.33
C SER A 70 2.02 -13.08 9.41
N SER A 71 1.06 -13.52 8.61
CA SER A 71 0.67 -14.93 8.59
C SER A 71 1.39 -15.70 7.48
N ILE A 72 2.15 -14.98 6.65
CA ILE A 72 2.87 -15.62 5.56
C ILE A 72 3.87 -16.64 6.08
N ARG A 73 3.63 -17.92 5.75
CA ARG A 73 4.51 -19.00 6.19
C ARG A 73 5.64 -19.22 5.19
N THR A 74 6.78 -18.59 5.44
CA THR A 74 7.94 -18.72 4.56
C THR A 74 8.89 -19.79 5.08
N HIS A 75 9.10 -20.83 4.30
CA HIS A 75 9.99 -21.92 4.67
C HIS A 75 10.75 -22.45 3.46
N LYS A 76 10.03 -22.71 2.38
CA LYS A 76 10.63 -23.22 1.16
C LYS A 76 11.26 -22.08 0.35
N SER B 20 -9.77 7.27 -11.42
CA SER B 20 -9.27 6.28 -10.47
C SER B 20 -9.67 6.64 -9.04
N LYS B 21 -10.77 6.06 -8.57
CA LYS B 21 -11.25 6.31 -7.22
C LYS B 21 -10.79 5.23 -6.25
N GLU B 22 -10.97 3.97 -6.65
CA GLU B 22 -10.58 2.84 -5.82
C GLU B 22 -9.07 2.77 -5.69
N ILE B 23 -8.60 2.44 -4.48
CA ILE B 23 -7.17 2.34 -4.20
C ILE B 23 -6.70 0.90 -4.33
N PHE B 24 -5.50 0.72 -4.87
CA PHE B 24 -4.94 -0.63 -5.04
C PHE B 24 -3.41 -0.59 -5.09
N LEU B 25 -2.81 -1.76 -4.98
CA LEU B 25 -1.35 -1.90 -5.02
C LEU B 25 -0.93 -2.70 -6.24
N THR B 26 0.23 -2.35 -6.81
CA THR B 26 0.72 -3.04 -7.99
C THR B 26 2.07 -3.70 -7.72
N VAL B 27 2.06 -4.99 -7.44
CA VAL B 27 3.27 -5.75 -7.15
C VAL B 27 3.62 -6.69 -8.32
N PRO B 28 4.76 -6.46 -8.99
CA PRO B 28 5.18 -7.30 -10.12
C PRO B 28 5.60 -8.69 -9.70
N VAL B 29 4.83 -9.69 -10.12
CA VAL B 29 5.13 -11.08 -9.79
C VAL B 29 6.47 -11.50 -10.37
N GLY B 30 7.45 -11.69 -9.50
CA GLY B 30 8.78 -12.09 -9.95
C GLY B 30 9.40 -11.08 -10.90
N GLY B 31 9.23 -11.31 -12.20
CA GLY B 31 9.77 -10.39 -13.19
C GLY B 31 9.08 -10.50 -14.53
N GLY B 32 8.04 -9.69 -14.72
CA GLY B 32 7.31 -9.70 -15.97
C GLY B 32 5.92 -9.11 -15.83
N GLU B 33 5.01 -9.88 -15.25
CA GLU B 33 3.63 -9.43 -15.06
C GLU B 33 3.46 -8.72 -13.72
N SER B 34 2.38 -7.96 -13.59
CA SER B 34 2.10 -7.23 -12.36
C SER B 34 0.71 -7.59 -11.81
N LEU B 35 0.60 -7.65 -10.50
CA LEU B 35 -0.66 -7.98 -9.84
C LEU B 35 -1.34 -6.75 -9.25
N ARG B 36 -2.59 -6.54 -9.62
CA ARG B 36 -3.36 -5.41 -9.12
C ARG B 36 -4.39 -5.88 -8.09
N LEU B 37 -4.23 -5.42 -6.85
CA LEU B 37 -5.14 -5.81 -5.77
C LEU B 37 -5.75 -4.59 -5.10
N LEU B 38 -7.07 -4.51 -5.13
CA LEU B 38 -7.78 -3.38 -4.53
C LEU B 38 -7.80 -3.49 -3.01
N ALA B 39 -7.84 -2.34 -2.34
CA ALA B 39 -7.86 -2.30 -0.88
C ALA B 39 -9.22 -2.71 -0.33
N SER B 40 -10.27 -2.43 -1.10
CA SER B 40 -11.62 -2.79 -0.69
C SER B 40 -11.77 -4.29 -0.58
N ASP B 41 -10.90 -5.02 -1.27
CA ASP B 41 -10.92 -6.48 -1.26
C ASP B 41 -9.50 -7.03 -1.18
N LEU B 42 -8.75 -6.58 -0.18
CA LEU B 42 -7.37 -7.02 0.02
C LEU B 42 -7.31 -8.55 0.15
N GLN B 43 -6.91 -9.21 -0.93
CA GLN B 43 -6.81 -10.66 -0.94
C GLN B 43 -5.48 -11.13 -0.36
N ARG B 44 -5.55 -12.07 0.57
CA ARG B 44 -4.36 -12.61 1.23
C ARG B 44 -3.49 -13.41 0.27
N HIS B 45 -4.10 -14.40 -0.39
CA HIS B 45 -3.39 -15.25 -1.33
C HIS B 45 -2.70 -14.42 -2.42
N SER B 46 -3.41 -13.43 -2.95
CA SER B 46 -2.88 -12.56 -3.98
C SER B 46 -1.49 -12.05 -3.62
N ILE B 47 -1.24 -11.88 -2.33
CA ILE B 47 0.04 -11.39 -1.86
C ILE B 47 0.94 -12.54 -1.41
N ALA B 48 0.32 -13.65 -1.02
CA ALA B 48 1.05 -14.83 -0.56
C ALA B 48 1.53 -15.68 -1.74
N GLN B 49 1.24 -15.23 -2.96
CA GLN B 49 1.64 -15.95 -4.16
C GLN B 49 2.69 -15.17 -4.94
N LEU B 50 3.10 -14.04 -4.39
CA LEU B 50 4.10 -13.19 -5.03
C LEU B 50 5.50 -13.81 -4.96
N ASP B 51 6.49 -13.06 -5.40
CA ASP B 51 7.88 -13.52 -5.39
C ASP B 51 8.53 -13.23 -4.03
N PRO B 52 9.37 -14.15 -3.54
CA PRO B 52 10.05 -13.99 -2.25
C PRO B 52 10.60 -12.57 -2.05
N GLU B 53 11.23 -12.03 -3.08
CA GLU B 53 11.79 -10.69 -3.01
C GLU B 53 10.70 -9.64 -2.85
N ALA B 54 9.61 -9.81 -3.61
CA ALA B 54 8.49 -8.88 -3.55
C ALA B 54 7.91 -8.80 -2.14
N LEU B 55 7.75 -9.96 -1.50
CA LEU B 55 7.22 -10.02 -0.15
C LEU B 55 7.94 -9.05 0.77
N GLY B 56 9.23 -8.85 0.53
CA GLY B 56 10.02 -7.94 1.34
C GLY B 56 9.59 -6.49 1.14
N ASN B 57 9.35 -6.12 -0.11
CA ASN B 57 8.93 -4.76 -0.42
C ASN B 57 7.62 -4.41 0.27
N ILE B 58 6.67 -5.33 0.22
CA ILE B 58 5.36 -5.13 0.85
C ILE B 58 5.52 -4.84 2.35
N LYS B 59 6.25 -5.71 3.03
CA LYS B 59 6.49 -5.55 4.47
C LYS B 59 6.94 -4.12 4.79
N LYS B 60 7.88 -3.61 3.99
CA LYS B 60 8.40 -2.26 4.19
C LYS B 60 7.34 -1.22 3.85
N LEU B 61 6.48 -1.54 2.89
CA LEU B 61 5.42 -0.63 2.47
C LEU B 61 4.45 -0.33 3.60
N SER B 62 3.90 -1.39 4.20
CA SER B 62 2.94 -1.24 5.29
C SER B 62 3.60 -0.71 6.56
N ASN B 63 4.79 -1.22 6.87
CA ASN B 63 5.51 -0.79 8.06
C ASN B 63 5.80 0.70 8.04
N ARG B 64 6.48 1.16 6.99
CA ARG B 64 6.83 2.58 6.86
C ARG B 64 5.58 3.46 6.79
N LEU B 65 4.62 3.06 5.95
CA LEU B 65 3.39 3.83 5.78
C LEU B 65 2.63 3.96 7.10
N ALA B 66 2.47 2.85 7.80
CA ALA B 66 1.75 2.85 9.07
C ALA B 66 2.37 3.84 10.05
N GLN B 67 3.67 4.06 9.92
CA GLN B 67 4.38 4.99 10.80
C GLN B 67 4.00 6.44 10.49
N ILE B 68 3.89 6.74 9.19
CA ILE B 68 3.53 8.08 8.76
C ILE B 68 2.10 8.43 9.17
N CYS B 69 1.17 7.51 8.93
CA CYS B 69 -0.22 7.73 9.27
C CYS B 69 -0.42 7.84 10.78
N SER B 70 0.64 7.54 11.52
CA SER B 70 0.61 7.60 12.98
C SER B 70 0.98 8.99 13.48
N SER B 71 1.72 9.73 12.65
CA SER B 71 2.16 11.08 13.03
C SER B 71 1.22 12.14 12.46
N ILE B 72 0.23 11.72 11.66
CA ILE B 72 -0.72 12.65 11.06
C ILE B 72 -1.51 13.38 12.14
N ARG B 73 -1.30 14.70 12.21
CA ARG B 73 -1.99 15.54 13.19
C ARG B 73 -3.32 16.03 12.64
N THR B 74 -4.39 15.30 12.95
CA THR B 74 -5.73 15.67 12.49
C THR B 74 -6.47 16.44 13.56
N HIS B 75 -6.82 17.70 13.26
CA HIS B 75 -7.54 18.54 14.20
C HIS B 75 -8.56 19.41 13.46
N LYS B 76 -8.11 20.06 12.39
CA LYS B 76 -8.99 20.92 11.61
C LYS B 76 -9.85 20.10 10.65
N SER A 20 5.74 -1.50 -15.21
CA SER A 20 5.54 -1.13 -13.82
C SER A 20 6.28 -2.09 -12.88
N LYS A 21 7.60 -1.99 -12.87
CA LYS A 21 8.42 -2.85 -12.03
C LYS A 21 8.51 -2.30 -10.61
N GLU A 22 8.04 -1.06 -10.43
CA GLU A 22 8.07 -0.41 -9.14
C GLU A 22 6.68 -0.43 -8.49
N ILE A 23 6.66 -0.52 -7.16
CA ILE A 23 5.40 -0.56 -6.42
C ILE A 23 5.04 0.83 -5.91
N PHE A 24 3.78 1.20 -6.05
CA PHE A 24 3.30 2.51 -5.60
C PHE A 24 1.82 2.47 -5.24
N LEU A 25 1.39 3.51 -4.52
CA LEU A 25 0.00 3.62 -4.10
C LEU A 25 -0.67 4.81 -4.80
N THR A 26 -1.88 4.60 -5.30
CA THR A 26 -2.61 5.66 -5.99
C THR A 26 -3.80 6.13 -5.17
N VAL A 27 -3.62 7.26 -4.47
CA VAL A 27 -4.69 7.81 -3.63
C VAL A 27 -5.32 9.03 -4.30
N PRO A 28 -6.63 8.98 -4.62
CA PRO A 28 -7.33 10.09 -5.27
C PRO A 28 -7.62 11.25 -4.32
N VAL A 29 -6.97 12.38 -4.56
CA VAL A 29 -7.17 13.57 -3.74
C VAL A 29 -8.61 14.04 -3.79
N GLY A 30 -9.32 13.87 -2.68
CA GLY A 30 -10.72 14.28 -2.62
C GLY A 30 -11.59 13.53 -3.61
N GLY A 31 -11.79 14.13 -4.78
CA GLY A 31 -12.61 13.50 -5.80
C GLY A 31 -12.34 14.05 -7.18
N GLY A 32 -11.25 13.61 -7.80
CA GLY A 32 -10.89 14.08 -9.12
C GLY A 32 -9.55 13.56 -9.60
N GLU A 33 -8.49 14.24 -9.20
CA GLU A 33 -7.14 13.85 -9.58
C GLU A 33 -6.62 12.74 -8.68
N SER A 34 -5.59 12.03 -9.15
CA SER A 34 -5.00 10.93 -8.39
C SER A 34 -3.52 11.20 -8.13
N LEU A 35 -3.06 10.86 -6.93
CA LEU A 35 -1.67 11.05 -6.55
C LEU A 35 -0.87 9.76 -6.70
N ARG A 36 0.28 9.87 -7.37
CA ARG A 36 1.15 8.72 -7.57
C ARG A 36 2.37 8.81 -6.66
N LEU A 37 2.41 7.95 -5.65
CA LEU A 37 3.53 7.93 -4.71
C LEU A 37 4.20 6.57 -4.67
N LEU A 38 5.48 6.53 -5.02
CA LEU A 38 6.22 5.27 -5.04
C LEU A 38 6.66 4.87 -3.64
N ALA A 39 6.71 3.56 -3.41
CA ALA A 39 7.11 3.02 -2.11
C ALA A 39 8.57 3.32 -1.82
N SER A 40 9.39 3.30 -2.86
CA SER A 40 10.82 3.57 -2.72
C SER A 40 11.05 5.00 -2.23
N ASP A 41 10.13 5.88 -2.58
CA ASP A 41 10.22 7.28 -2.17
C ASP A 41 8.95 7.70 -1.42
N LEU A 42 8.62 6.94 -0.39
CA LEU A 42 7.44 7.23 0.42
C LEU A 42 7.51 8.65 1.00
N GLN A 43 6.70 9.54 0.46
CA GLN A 43 6.68 10.93 0.91
C GLN A 43 5.59 11.14 1.97
N ARG A 44 5.99 11.76 3.08
CA ARG A 44 5.07 12.03 4.18
C ARG A 44 4.00 13.05 3.79
N HIS A 45 4.45 14.22 3.32
CA HIS A 45 3.55 15.29 2.91
C HIS A 45 2.52 14.80 1.89
N SER A 46 3.00 14.03 0.92
CA SER A 46 2.12 13.49 -0.12
C SER A 46 0.87 12.86 0.48
N ILE A 47 1.01 12.31 1.68
CA ILE A 47 -0.12 11.68 2.37
C ILE A 47 -0.78 12.66 3.34
N ALA A 48 -0.02 13.66 3.78
CA ALA A 48 -0.54 14.65 4.71
C ALA A 48 -1.28 15.77 3.99
N GLN A 49 -1.34 15.68 2.67
CA GLN A 49 -2.01 16.70 1.86
C GLN A 49 -3.30 16.15 1.27
N LEU A 50 -3.61 14.90 1.61
CA LEU A 50 -4.82 14.24 1.13
C LEU A 50 -6.05 14.73 1.86
N ASP A 51 -7.13 13.96 1.74
CA ASP A 51 -8.39 14.31 2.39
C ASP A 51 -8.74 13.30 3.49
N PRO A 52 -9.61 13.68 4.45
CA PRO A 52 -10.00 12.79 5.55
C PRO A 52 -10.41 11.41 5.06
N GLU A 53 -11.14 11.37 3.94
CA GLU A 53 -11.60 10.11 3.38
C GLU A 53 -10.41 9.24 2.94
N ALA A 54 -9.37 9.89 2.43
CA ALA A 54 -8.17 9.19 1.98
C ALA A 54 -7.41 8.61 3.16
N LEU A 55 -7.18 9.43 4.18
CA LEU A 55 -6.46 9.01 5.37
C LEU A 55 -7.02 7.69 5.91
N GLY A 56 -8.34 7.53 5.81
CA GLY A 56 -8.97 6.31 6.28
C GLY A 56 -8.64 5.13 5.39
N ASN A 57 -8.66 5.35 4.08
CA ASN A 57 -8.36 4.31 3.12
C ASN A 57 -6.92 3.82 3.27
N ILE A 58 -6.03 4.73 3.67
CA ILE A 58 -4.62 4.39 3.86
C ILE A 58 -4.43 3.58 5.14
N LYS A 59 -4.88 4.12 6.26
CA LYS A 59 -4.75 3.45 7.55
C LYS A 59 -5.25 2.01 7.48
N LYS A 60 -6.40 1.81 6.86
CA LYS A 60 -6.97 0.47 6.72
C LYS A 60 -6.12 -0.40 5.80
N LEU A 61 -5.56 0.22 4.78
CA LEU A 61 -4.72 -0.48 3.81
C LEU A 61 -3.52 -1.13 4.49
N SER A 62 -2.79 -0.33 5.28
CA SER A 62 -1.61 -0.83 5.97
C SER A 62 -1.97 -1.77 7.12
N ASN A 63 -3.04 -1.46 7.84
CA ASN A 63 -3.47 -2.28 8.97
C ASN A 63 -3.86 -3.69 8.53
N ARG A 64 -4.80 -3.77 7.60
CA ARG A 64 -5.27 -5.06 7.10
C ARG A 64 -4.14 -5.84 6.44
N LEU A 65 -3.40 -5.17 5.56
CA LEU A 65 -2.28 -5.80 4.85
C LEU A 65 -1.27 -6.38 5.83
N ALA A 66 -0.90 -5.59 6.84
CA ALA A 66 0.06 -6.04 7.84
C ALA A 66 -0.39 -7.31 8.53
N GLN A 67 -1.70 -7.47 8.68
CA GLN A 67 -2.27 -8.65 9.31
C GLN A 67 -1.97 -9.90 8.49
N ILE A 68 -2.18 -9.80 7.18
CA ILE A 68 -1.95 -10.91 6.27
C ILE A 68 -0.49 -11.36 6.30
N CYS A 69 0.43 -10.39 6.37
CA CYS A 69 1.86 -10.68 6.40
C CYS A 69 2.18 -11.69 7.50
N SER A 70 1.88 -11.34 8.74
CA SER A 70 2.14 -12.20 9.88
C SER A 70 1.48 -13.57 9.69
N SER A 71 0.40 -13.60 8.91
CA SER A 71 -0.32 -14.85 8.66
C SER A 71 0.45 -15.73 7.69
N ILE A 72 1.25 -15.11 6.83
CA ILE A 72 2.05 -15.85 5.85
C ILE A 72 2.96 -16.87 6.54
N ARG A 73 2.93 -18.10 6.04
CA ARG A 73 3.76 -19.16 6.61
C ARG A 73 5.20 -19.07 6.10
N THR A 74 6.02 -18.30 6.81
CA THR A 74 7.42 -18.13 6.42
C THR A 74 8.33 -18.20 7.65
N HIS A 75 7.74 -18.43 8.82
CA HIS A 75 8.50 -18.52 10.06
C HIS A 75 9.39 -19.76 10.06
N LYS A 76 8.77 -20.94 10.07
CA LYS A 76 9.51 -22.19 10.08
C LYS A 76 9.10 -23.07 8.89
N SER B 20 -9.29 6.33 -11.82
CA SER B 20 -8.77 5.51 -10.73
C SER B 20 -9.20 6.07 -9.37
N LYS B 21 -10.49 5.91 -9.06
CA LYS B 21 -11.04 6.40 -7.79
C LYS B 21 -10.78 5.39 -6.68
N GLU B 22 -10.35 4.19 -7.06
CA GLU B 22 -10.07 3.12 -6.10
C GLU B 22 -8.57 2.99 -5.85
N ILE B 23 -8.20 2.64 -4.63
CA ILE B 23 -6.80 2.47 -4.25
C ILE B 23 -6.39 1.01 -4.35
N PHE B 24 -5.22 0.76 -4.94
CA PHE B 24 -4.71 -0.60 -5.09
C PHE B 24 -3.19 -0.63 -5.12
N LEU B 25 -2.63 -1.82 -4.93
CA LEU B 25 -1.19 -2.01 -4.94
C LEU B 25 -0.77 -2.86 -6.14
N THR B 26 0.28 -2.43 -6.82
CA THR B 26 0.76 -3.17 -7.99
C THR B 26 2.11 -3.84 -7.71
N VAL B 27 2.05 -5.13 -7.41
CA VAL B 27 3.27 -5.89 -7.11
C VAL B 27 3.66 -6.78 -8.30
N PRO B 28 4.84 -6.56 -8.89
CA PRO B 28 5.31 -7.36 -10.03
C PRO B 28 5.77 -8.75 -9.64
N VAL B 29 5.03 -9.77 -10.09
CA VAL B 29 5.37 -11.16 -9.79
C VAL B 29 6.74 -11.52 -10.36
N GLY B 30 7.72 -11.70 -9.48
CA GLY B 30 9.06 -12.04 -9.91
C GLY B 30 9.69 -10.96 -10.77
N GLY B 31 9.57 -11.11 -12.09
CA GLY B 31 10.13 -10.14 -13.00
C GLY B 31 9.50 -10.20 -14.38
N GLY B 32 8.30 -9.63 -14.51
CA GLY B 32 7.62 -9.63 -15.78
C GLY B 32 6.22 -9.04 -15.69
N GLU B 33 5.25 -9.87 -15.30
CA GLU B 33 3.87 -9.42 -15.18
C GLU B 33 3.65 -8.70 -13.85
N SER B 34 2.57 -7.93 -13.78
CA SER B 34 2.24 -7.20 -12.56
C SER B 34 0.85 -7.59 -12.04
N LEU B 35 0.74 -7.70 -10.73
CA LEU B 35 -0.53 -8.08 -10.11
C LEU B 35 -1.28 -6.86 -9.60
N ARG B 36 -2.56 -6.77 -9.95
CA ARG B 36 -3.40 -5.66 -9.52
C ARG B 36 -4.36 -6.11 -8.42
N LEU B 37 -4.12 -5.64 -7.20
CA LEU B 37 -4.95 -6.01 -6.07
C LEU B 37 -5.53 -4.77 -5.40
N LEU B 38 -6.85 -4.67 -5.39
CA LEU B 38 -7.52 -3.52 -4.79
C LEU B 38 -7.57 -3.63 -3.26
N ALA B 39 -7.50 -2.48 -2.59
CA ALA B 39 -7.53 -2.44 -1.14
C ALA B 39 -8.90 -2.88 -0.61
N SER B 40 -9.95 -2.55 -1.34
CA SER B 40 -11.31 -2.91 -0.94
C SER B 40 -11.47 -4.43 -0.93
N ASP B 41 -10.70 -5.11 -1.78
CA ASP B 41 -10.76 -6.56 -1.86
C ASP B 41 -9.37 -7.15 -1.64
N LEU B 42 -8.75 -6.78 -0.53
CA LEU B 42 -7.41 -7.26 -0.19
C LEU B 42 -7.40 -8.80 -0.13
N GLN B 43 -6.79 -9.42 -1.14
CA GLN B 43 -6.72 -10.88 -1.21
C GLN B 43 -5.41 -11.39 -0.59
N ARG B 44 -5.55 -12.37 0.30
CA ARG B 44 -4.40 -12.95 0.98
C ARG B 44 -3.51 -13.74 0.00
N HIS B 45 -4.11 -14.69 -0.70
CA HIS B 45 -3.40 -15.52 -1.66
C HIS B 45 -2.64 -14.67 -2.68
N SER B 46 -3.30 -13.63 -3.18
CA SER B 46 -2.69 -12.73 -4.15
C SER B 46 -1.30 -12.29 -3.71
N ILE B 47 -1.10 -12.19 -2.41
CA ILE B 47 0.19 -11.77 -1.85
C ILE B 47 1.02 -13.00 -1.46
N ALA B 48 0.37 -14.12 -1.22
CA ALA B 48 1.06 -15.35 -0.83
C ALA B 48 1.53 -16.13 -2.06
N GLN B 49 1.25 -15.58 -3.25
CA GLN B 49 1.66 -16.23 -4.49
C GLN B 49 2.78 -15.45 -5.16
N LEU B 50 3.23 -14.38 -4.50
CA LEU B 50 4.30 -13.54 -5.02
C LEU B 50 5.65 -14.20 -4.84
N ASP B 51 6.70 -13.39 -4.95
CA ASP B 51 8.07 -13.88 -4.80
C ASP B 51 8.72 -13.30 -3.54
N PRO B 52 9.79 -13.93 -3.02
CA PRO B 52 10.49 -13.46 -1.83
C PRO B 52 10.82 -11.98 -1.90
N GLU B 53 11.25 -11.52 -3.07
CA GLU B 53 11.61 -10.12 -3.27
C GLU B 53 10.39 -9.22 -3.08
N ALA B 54 9.22 -9.71 -3.50
CA ALA B 54 7.99 -8.94 -3.37
C ALA B 54 7.57 -8.83 -1.92
N LEU B 55 7.57 -9.97 -1.21
CA LEU B 55 7.20 -10.00 0.19
C LEU B 55 7.93 -8.93 0.98
N GLY B 56 9.19 -8.68 0.62
CA GLY B 56 9.97 -7.68 1.30
C GLY B 56 9.48 -6.28 0.98
N ASN B 57 9.15 -6.04 -0.28
CA ASN B 57 8.67 -4.74 -0.72
C ASN B 57 7.34 -4.40 -0.06
N ILE B 58 6.54 -5.42 0.22
CA ILE B 58 5.25 -5.24 0.85
C ILE B 58 5.41 -4.91 2.35
N LYS B 59 6.10 -5.79 3.06
CA LYS B 59 6.34 -5.61 4.49
C LYS B 59 6.86 -4.21 4.80
N LYS B 60 7.83 -3.75 4.00
CA LYS B 60 8.41 -2.43 4.19
C LYS B 60 7.40 -1.33 3.88
N LEU B 61 6.57 -1.59 2.87
CA LEU B 61 5.54 -0.64 2.44
C LEU B 61 4.58 -0.31 3.59
N SER B 62 4.04 -1.36 4.21
CA SER B 62 3.09 -1.18 5.31
C SER B 62 3.77 -0.68 6.58
N ASN B 63 4.97 -1.17 6.86
CA ASN B 63 5.71 -0.77 8.05
C ASN B 63 6.04 0.72 8.03
N ARG B 64 6.73 1.17 6.98
CA ARG B 64 7.10 2.57 6.85
C ARG B 64 5.87 3.47 6.79
N LEU B 65 4.91 3.11 5.96
CA LEU B 65 3.68 3.89 5.81
C LEU B 65 2.97 4.06 7.16
N ALA B 66 2.84 2.97 7.90
CA ALA B 66 2.18 2.99 9.20
C ALA B 66 2.85 3.99 10.14
N GLN B 67 4.17 4.13 9.99
CA GLN B 67 4.92 5.05 10.84
C GLN B 67 4.49 6.50 10.59
N ILE B 68 4.35 6.84 9.31
CA ILE B 68 3.95 8.19 8.93
C ILE B 68 2.57 8.53 9.48
N CYS B 69 1.65 7.56 9.43
CA CYS B 69 0.30 7.77 9.92
C CYS B 69 0.30 8.33 11.35
N SER B 70 0.89 7.57 12.27
CA SER B 70 0.97 8.00 13.67
C SER B 70 1.61 9.38 13.79
N SER B 71 2.46 9.71 12.83
CA SER B 71 3.15 11.00 12.83
C SER B 71 2.20 12.13 12.45
N ILE B 72 1.19 11.81 11.66
CA ILE B 72 0.21 12.80 11.23
C ILE B 72 -0.46 13.47 12.42
N ARG B 73 -0.51 14.80 12.39
CA ARG B 73 -1.11 15.57 13.48
C ARG B 73 -2.63 15.59 13.35
N THR B 74 -3.29 14.60 13.93
CA THR B 74 -4.73 14.50 13.87
C THR B 74 -5.31 14.11 15.24
N HIS B 75 -4.43 13.95 16.22
CA HIS B 75 -4.86 13.58 17.58
C HIS B 75 -5.67 14.71 18.21
N LYS B 76 -5.01 15.84 18.47
CA LYS B 76 -5.66 16.98 19.09
C LYS B 76 -5.53 18.22 18.21
N SER A 20 6.16 -1.12 -15.09
CA SER A 20 6.92 -0.58 -13.97
C SER A 20 7.13 -1.65 -12.89
N LYS A 21 8.39 -1.90 -12.56
CA LYS A 21 8.72 -2.89 -11.54
C LYS A 21 8.55 -2.32 -10.15
N GLU A 22 8.76 -1.02 -10.01
CA GLU A 22 8.65 -0.35 -8.72
C GLU A 22 7.20 -0.35 -8.24
N ILE A 23 7.02 -0.46 -6.92
CA ILE A 23 5.69 -0.48 -6.33
C ILE A 23 5.30 0.92 -5.84
N PHE A 24 4.01 1.26 -6.01
CA PHE A 24 3.51 2.56 -5.59
C PHE A 24 2.03 2.49 -5.24
N LEU A 25 1.54 3.54 -4.59
CA LEU A 25 0.13 3.61 -4.19
C LEU A 25 -0.55 4.79 -4.87
N THR A 26 -1.80 4.60 -5.28
CA THR A 26 -2.54 5.66 -5.94
C THR A 26 -3.71 6.13 -5.08
N VAL A 27 -3.54 7.30 -4.47
CA VAL A 27 -4.57 7.87 -3.61
C VAL A 27 -5.16 9.13 -4.23
N PRO A 28 -6.31 9.01 -4.94
CA PRO A 28 -6.96 10.15 -5.59
C PRO A 28 -7.26 11.28 -4.61
N VAL A 29 -6.58 12.41 -4.82
CA VAL A 29 -6.77 13.59 -3.97
C VAL A 29 -8.22 14.07 -4.01
N GLY A 30 -8.90 13.96 -2.87
CA GLY A 30 -10.28 14.38 -2.79
C GLY A 30 -11.19 13.55 -3.68
N GLY A 31 -11.43 14.03 -4.89
CA GLY A 31 -12.29 13.32 -5.82
C GLY A 31 -12.07 13.75 -7.25
N GLY A 32 -10.84 13.65 -7.72
CA GLY A 32 -10.53 14.05 -9.09
C GLY A 32 -9.18 13.53 -9.56
N GLU A 33 -8.13 14.30 -9.29
CA GLU A 33 -6.78 13.91 -9.68
C GLU A 33 -6.25 12.80 -8.79
N SER A 34 -5.23 12.09 -9.28
CA SER A 34 -4.64 10.99 -8.53
C SER A 34 -3.16 11.27 -8.25
N LEU A 35 -2.73 10.95 -7.03
CA LEU A 35 -1.34 11.16 -6.63
C LEU A 35 -0.50 9.90 -6.82
N ARG A 36 0.65 10.06 -7.46
CA ARG A 36 1.56 8.94 -7.71
C ARG A 36 2.74 9.00 -6.76
N LEU A 37 2.76 8.08 -5.79
CA LEU A 37 3.83 8.03 -4.81
C LEU A 37 4.44 6.64 -4.73
N LEU A 38 5.74 6.55 -4.97
CA LEU A 38 6.45 5.27 -4.94
C LEU A 38 6.77 4.87 -3.50
N ALA A 39 6.91 3.56 -3.29
CA ALA A 39 7.22 3.03 -1.97
C ALA A 39 8.69 3.24 -1.62
N SER A 40 9.53 3.32 -2.65
CA SER A 40 10.96 3.53 -2.45
C SER A 40 11.23 4.92 -1.90
N ASP A 41 10.24 5.80 -2.06
CA ASP A 41 10.36 7.18 -1.57
C ASP A 41 9.03 7.65 -0.99
N LEU A 42 8.55 6.93 0.01
CA LEU A 42 7.29 7.26 0.67
C LEU A 42 7.34 8.69 1.23
N GLN A 43 6.68 9.61 0.53
CA GLN A 43 6.65 11.01 0.94
C GLN A 43 5.57 11.26 1.99
N ARG A 44 5.96 11.91 3.08
CA ARG A 44 5.05 12.22 4.18
C ARG A 44 3.98 13.22 3.76
N HIS A 45 4.41 14.38 3.27
CA HIS A 45 3.50 15.43 2.84
C HIS A 45 2.47 14.90 1.84
N SER A 46 2.95 14.12 0.87
CA SER A 46 2.07 13.54 -0.14
C SER A 46 0.83 12.91 0.48
N ILE A 47 1.00 12.35 1.68
CA ILE A 47 -0.12 11.71 2.38
C ILE A 47 -0.78 12.67 3.36
N ALA A 48 -0.04 13.68 3.80
CA ALA A 48 -0.57 14.67 4.74
C ALA A 48 -1.32 15.78 4.03
N GLN A 49 -1.40 15.70 2.71
CA GLN A 49 -2.10 16.71 1.92
C GLN A 49 -3.36 16.12 1.27
N LEU A 50 -3.63 14.85 1.57
CA LEU A 50 -4.80 14.17 1.02
C LEU A 50 -6.09 14.69 1.65
N ASP A 51 -7.19 14.02 1.35
CA ASP A 51 -8.49 14.39 1.88
C ASP A 51 -8.78 13.62 3.17
N PRO A 52 -9.67 14.15 4.04
CA PRO A 52 -10.02 13.50 5.30
C PRO A 52 -10.40 12.02 5.13
N GLU A 53 -11.19 11.73 4.10
CA GLU A 53 -11.62 10.37 3.84
C GLU A 53 -10.45 9.50 3.39
N ALA A 54 -9.46 10.11 2.75
CA ALA A 54 -8.29 9.39 2.27
C ALA A 54 -7.52 8.75 3.43
N LEU A 55 -7.33 9.52 4.50
CA LEU A 55 -6.63 9.05 5.68
C LEU A 55 -7.17 7.69 6.13
N GLY A 56 -8.47 7.49 5.95
CA GLY A 56 -9.08 6.23 6.35
C GLY A 56 -8.70 5.09 5.41
N ASN A 57 -8.66 5.38 4.12
CA ASN A 57 -8.32 4.37 3.12
C ASN A 57 -6.88 3.90 3.28
N ILE A 58 -5.99 4.81 3.67
CA ILE A 58 -4.59 4.47 3.85
C ILE A 58 -4.38 3.66 5.13
N LYS A 59 -4.83 4.20 6.25
CA LYS A 59 -4.69 3.52 7.55
C LYS A 59 -5.21 2.09 7.48
N LYS A 60 -6.36 1.90 6.85
CA LYS A 60 -6.95 0.58 6.72
C LYS A 60 -6.12 -0.30 5.78
N LEU A 61 -5.59 0.33 4.73
CA LEU A 61 -4.78 -0.36 3.74
C LEU A 61 -3.57 -1.02 4.39
N SER A 62 -2.83 -0.25 5.18
CA SER A 62 -1.63 -0.75 5.85
C SER A 62 -1.99 -1.65 7.03
N ASN A 63 -3.14 -1.42 7.64
CA ASN A 63 -3.59 -2.22 8.78
C ASN A 63 -3.89 -3.66 8.36
N ARG A 64 -4.79 -3.81 7.41
CA ARG A 64 -5.17 -5.14 6.92
C ARG A 64 -3.98 -5.85 6.28
N LEU A 65 -3.18 -5.10 5.53
CA LEU A 65 -2.01 -5.67 4.85
C LEU A 65 -1.00 -6.20 5.87
N ALA A 66 -0.67 -5.39 6.87
CA ALA A 66 0.27 -5.78 7.90
C ALA A 66 -0.19 -7.03 8.64
N GLN A 67 -1.50 -7.15 8.84
CA GLN A 67 -2.08 -8.29 9.54
C GLN A 67 -1.87 -9.58 8.74
N ILE A 68 -2.17 -9.53 7.46
CA ILE A 68 -2.02 -10.70 6.59
C ILE A 68 -0.55 -11.12 6.48
N CYS A 69 0.33 -10.12 6.38
CA CYS A 69 1.76 -10.40 6.26
C CYS A 69 2.33 -11.01 7.53
N SER A 70 1.49 -11.10 8.56
CA SER A 70 1.91 -11.67 9.84
C SER A 70 1.70 -13.18 9.86
N SER A 71 0.80 -13.66 9.00
CA SER A 71 0.50 -15.08 8.92
C SER A 71 1.25 -15.75 7.77
N ILE A 72 2.05 -14.96 7.05
CA ILE A 72 2.82 -15.49 5.93
C ILE A 72 4.05 -16.23 6.42
N ARG A 73 4.42 -17.29 5.71
CA ARG A 73 5.58 -18.10 6.07
C ARG A 73 6.74 -17.85 5.10
N THR A 74 7.95 -18.14 5.55
CA THR A 74 9.14 -17.96 4.73
C THR A 74 10.33 -18.73 5.28
N HIS A 75 10.56 -18.60 6.59
CA HIS A 75 11.67 -19.28 7.25
C HIS A 75 12.99 -19.00 6.53
N LYS A 76 13.63 -17.89 6.90
CA LYS A 76 14.90 -17.52 6.29
C LYS A 76 16.08 -17.92 7.18
N SER B 20 -9.59 5.99 -11.79
CA SER B 20 -10.08 5.07 -10.76
C SER B 20 -9.96 5.69 -9.37
N LYS B 21 -11.08 5.77 -8.68
CA LYS B 21 -11.11 6.35 -7.33
C LYS B 21 -10.63 5.34 -6.30
N GLU B 22 -10.87 4.06 -6.57
CA GLU B 22 -10.47 2.99 -5.66
C GLU B 22 -8.94 2.89 -5.58
N ILE B 23 -8.44 2.55 -4.39
CA ILE B 23 -7.02 2.41 -4.18
C ILE B 23 -6.58 0.95 -4.30
N PHE B 24 -5.40 0.74 -4.89
CA PHE B 24 -4.87 -0.61 -5.08
C PHE B 24 -3.35 -0.61 -5.11
N LEU B 25 -2.77 -1.80 -5.00
CA LEU B 25 -1.32 -1.96 -5.00
C LEU B 25 -0.88 -2.81 -6.18
N THR B 26 0.22 -2.44 -6.81
CA THR B 26 0.73 -3.18 -7.96
C THR B 26 2.05 -3.88 -7.62
N VAL B 27 1.98 -5.19 -7.42
CA VAL B 27 3.16 -5.97 -7.09
C VAL B 27 3.52 -6.93 -8.23
N PRO B 28 4.46 -6.52 -9.12
CA PRO B 28 4.87 -7.35 -10.26
C PRO B 28 5.34 -8.74 -9.84
N VAL B 29 4.57 -9.76 -10.24
CA VAL B 29 4.91 -11.14 -9.91
C VAL B 29 6.28 -11.53 -10.47
N GLY B 30 7.22 -11.79 -9.57
CA GLY B 30 8.55 -12.16 -9.99
C GLY B 30 9.26 -11.05 -10.73
N GLY B 31 9.17 -11.07 -12.05
CA GLY B 31 9.81 -10.05 -12.86
C GLY B 31 9.23 -9.98 -14.27
N GLY B 32 7.92 -9.78 -14.35
CA GLY B 32 7.26 -9.69 -15.64
C GLY B 32 5.87 -9.09 -15.56
N GLU B 33 4.87 -9.95 -15.31
CA GLU B 33 3.49 -9.50 -15.21
C GLU B 33 3.26 -8.77 -13.88
N SER B 34 2.18 -7.98 -13.84
CA SER B 34 1.85 -7.23 -12.63
C SER B 34 0.48 -7.64 -12.10
N LEU B 35 0.37 -7.77 -10.78
CA LEU B 35 -0.87 -8.16 -10.14
C LEU B 35 -1.67 -6.94 -9.69
N ARG B 36 -2.95 -6.92 -10.03
CA ARG B 36 -3.83 -5.82 -9.65
C ARG B 36 -4.75 -6.23 -8.50
N LEU B 37 -4.47 -5.71 -7.32
CA LEU B 37 -5.28 -6.03 -6.14
C LEU B 37 -5.77 -4.77 -5.45
N LEU B 38 -7.09 -4.66 -5.31
CA LEU B 38 -7.70 -3.50 -4.67
C LEU B 38 -7.64 -3.62 -3.15
N ALA B 39 -7.65 -2.47 -2.48
CA ALA B 39 -7.60 -2.43 -1.02
C ALA B 39 -8.94 -2.79 -0.41
N SER B 40 -10.02 -2.56 -1.17
CA SER B 40 -11.36 -2.87 -0.70
C SER B 40 -11.56 -4.38 -0.61
N ASP B 41 -10.69 -5.11 -1.29
CA ASP B 41 -10.75 -6.57 -1.30
C ASP B 41 -9.35 -7.17 -1.26
N LEU B 42 -8.60 -6.82 -0.23
CA LEU B 42 -7.23 -7.31 -0.05
C LEU B 42 -7.22 -8.84 -0.02
N GLN B 43 -6.79 -9.44 -1.13
CA GLN B 43 -6.73 -10.90 -1.24
C GLN B 43 -5.45 -11.44 -0.64
N ARG B 44 -5.59 -12.45 0.22
CA ARG B 44 -4.46 -13.08 0.88
C ARG B 44 -3.57 -13.84 -0.10
N HIS B 45 -4.18 -14.77 -0.83
CA HIS B 45 -3.45 -15.58 -1.80
C HIS B 45 -2.68 -14.71 -2.78
N SER B 46 -3.32 -13.65 -3.28
CA SER B 46 -2.70 -12.74 -4.22
C SER B 46 -1.32 -12.30 -3.75
N ILE B 47 -1.15 -12.20 -2.43
CA ILE B 47 0.12 -11.80 -1.86
C ILE B 47 0.96 -13.01 -1.46
N ALA B 48 0.30 -14.14 -1.22
CA ALA B 48 1.00 -15.35 -0.83
C ALA B 48 1.49 -16.14 -2.04
N GLN B 49 1.25 -15.60 -3.23
CA GLN B 49 1.68 -16.25 -4.46
C GLN B 49 2.76 -15.44 -5.16
N LEU B 50 3.17 -14.34 -4.53
CA LEU B 50 4.20 -13.47 -5.09
C LEU B 50 5.58 -14.13 -5.01
N ASP B 51 6.61 -13.35 -5.34
CA ASP B 51 7.98 -13.84 -5.30
C ASP B 51 8.61 -13.55 -3.94
N PRO B 52 9.66 -14.30 -3.56
CA PRO B 52 10.35 -14.10 -2.27
C PRO B 52 10.74 -12.65 -2.03
N GLU B 53 11.26 -12.00 -3.06
CA GLU B 53 11.69 -10.60 -2.95
C GLU B 53 10.48 -9.68 -2.76
N ALA B 54 9.35 -10.07 -3.31
CA ALA B 54 8.13 -9.28 -3.20
C ALA B 54 7.71 -9.10 -1.74
N LEU B 55 7.75 -10.20 -0.99
CA LEU B 55 7.38 -10.17 0.43
C LEU B 55 8.08 -9.04 1.16
N GLY B 56 9.31 -8.74 0.74
CA GLY B 56 10.06 -7.67 1.37
C GLY B 56 9.52 -6.29 1.01
N ASN B 57 9.16 -6.13 -0.26
CA ASN B 57 8.63 -4.86 -0.74
C ASN B 57 7.29 -4.52 -0.07
N ILE B 58 6.48 -5.54 0.19
CA ILE B 58 5.19 -5.33 0.82
C ILE B 58 5.35 -5.01 2.32
N LYS B 59 6.03 -5.89 3.03
CA LYS B 59 6.25 -5.71 4.47
C LYS B 59 6.81 -4.30 4.77
N LYS B 60 7.78 -3.88 3.98
CA LYS B 60 8.38 -2.56 4.16
C LYS B 60 7.40 -1.45 3.80
N LEU B 61 6.59 -1.70 2.78
CA LEU B 61 5.59 -0.75 2.32
C LEU B 61 4.62 -0.40 3.43
N SER B 62 4.05 -1.42 4.07
CA SER B 62 3.10 -1.22 5.15
C SER B 62 3.78 -0.76 6.43
N ASN B 63 5.03 -1.15 6.62
CA ASN B 63 5.78 -0.77 7.81
C ASN B 63 6.04 0.74 7.85
N ARG B 64 6.68 1.24 6.80
CA ARG B 64 7.00 2.66 6.72
C ARG B 64 5.73 3.51 6.69
N LEU B 65 4.73 3.04 5.94
CA LEU B 65 3.46 3.75 5.82
C LEU B 65 2.77 3.87 7.17
N ALA B 66 2.66 2.75 7.87
CA ALA B 66 2.01 2.74 9.18
C ALA B 66 2.71 3.67 10.16
N GLN B 67 4.03 3.75 10.06
CA GLN B 67 4.81 4.62 10.94
C GLN B 67 4.48 6.09 10.71
N ILE B 68 4.46 6.50 9.44
CA ILE B 68 4.17 7.89 9.10
C ILE B 68 2.74 8.26 9.50
N CYS B 69 1.80 7.34 9.29
CA CYS B 69 0.40 7.58 9.63
C CYS B 69 0.20 7.69 11.14
N SER B 70 1.27 7.46 11.89
CA SER B 70 1.20 7.54 13.35
C SER B 70 1.50 8.97 13.83
N SER B 71 2.18 9.74 12.99
CA SER B 71 2.52 11.12 13.31
C SER B 71 1.54 12.10 12.69
N ILE B 72 0.55 11.58 11.96
CA ILE B 72 -0.45 12.42 11.32
C ILE B 72 -1.48 12.92 12.33
N ARG B 73 -1.95 14.15 12.13
CA ARG B 73 -2.95 14.73 13.02
C ARG B 73 -4.31 14.79 12.35
N THR B 74 -5.37 14.86 13.16
CA THR B 74 -6.72 14.93 12.64
C THR B 74 -7.70 15.42 13.71
N HIS B 75 -7.61 14.84 14.91
CA HIS B 75 -8.49 15.21 16.01
C HIS B 75 -9.96 15.14 15.59
N LYS B 76 -10.54 13.96 15.70
CA LYS B 76 -11.95 13.76 15.34
C LYS B 76 -12.84 13.80 16.58
N SER A 20 6.80 0.81 -14.84
CA SER A 20 6.55 -0.55 -14.36
C SER A 20 7.68 -1.05 -13.48
N LYS A 21 7.58 -2.29 -13.03
CA LYS A 21 8.59 -2.90 -12.16
C LYS A 21 8.75 -2.12 -10.85
N GLU A 22 7.84 -1.17 -10.61
CA GLU A 22 7.89 -0.36 -9.41
C GLU A 22 6.54 -0.39 -8.68
N ILE A 23 6.60 -0.44 -7.36
CA ILE A 23 5.38 -0.46 -6.54
C ILE A 23 5.05 0.93 -6.02
N PHE A 24 3.79 1.33 -6.17
CA PHE A 24 3.35 2.64 -5.70
C PHE A 24 1.87 2.62 -5.32
N LEU A 25 1.44 3.66 -4.61
CA LEU A 25 0.05 3.78 -4.18
C LEU A 25 -0.61 4.96 -4.85
N THR A 26 -1.85 4.77 -5.31
CA THR A 26 -2.59 5.83 -5.98
C THR A 26 -3.75 6.31 -5.11
N VAL A 27 -3.54 7.43 -4.43
CA VAL A 27 -4.57 8.00 -3.56
C VAL A 27 -5.18 9.25 -4.19
N PRO A 28 -6.42 9.16 -4.71
CA PRO A 28 -7.09 10.30 -5.34
C PRO A 28 -7.35 11.43 -4.36
N VAL A 29 -6.67 12.55 -4.56
CA VAL A 29 -6.83 13.72 -3.70
C VAL A 29 -8.24 14.29 -3.79
N GLY A 30 -8.98 14.20 -2.69
CA GLY A 30 -10.33 14.71 -2.65
C GLY A 30 -11.25 13.98 -3.62
N GLY A 31 -11.45 14.57 -4.80
CA GLY A 31 -12.31 13.96 -5.80
C GLY A 31 -12.03 14.47 -7.20
N GLY A 32 -11.00 13.92 -7.84
CA GLY A 32 -10.65 14.33 -9.18
C GLY A 32 -9.30 13.79 -9.62
N GLU A 33 -8.23 14.46 -9.19
CA GLU A 33 -6.88 14.06 -9.54
C GLU A 33 -6.37 12.97 -8.58
N SER A 34 -5.28 12.30 -8.97
CA SER A 34 -4.71 11.26 -8.15
C SER A 34 -3.21 11.51 -7.92
N LEU A 35 -2.74 11.17 -6.73
CA LEU A 35 -1.33 11.36 -6.39
C LEU A 35 -0.52 10.09 -6.65
N ARG A 36 0.60 10.25 -7.33
CA ARG A 36 1.48 9.13 -7.64
C ARG A 36 2.67 9.11 -6.70
N LEU A 37 2.67 8.19 -5.76
CA LEU A 37 3.75 8.08 -4.78
C LEU A 37 4.35 6.68 -4.78
N LEU A 38 5.65 6.60 -5.06
CA LEU A 38 6.35 5.32 -5.10
C LEU A 38 6.77 4.90 -3.69
N ALA A 39 6.63 3.61 -3.41
CA ALA A 39 6.98 3.06 -2.10
C ALA A 39 8.47 3.24 -1.81
N SER A 40 9.29 3.16 -2.85
CA SER A 40 10.73 3.31 -2.72
C SER A 40 11.07 4.73 -2.30
N ASP A 41 10.14 5.65 -2.54
CA ASP A 41 10.33 7.06 -2.19
C ASP A 41 9.09 7.61 -1.51
N LEU A 42 8.65 6.93 -0.45
CA LEU A 42 7.46 7.34 0.29
C LEU A 42 7.59 8.78 0.77
N GLN A 43 6.61 9.61 0.40
CA GLN A 43 6.62 11.02 0.79
C GLN A 43 5.59 11.28 1.88
N ARG A 44 6.03 11.95 2.94
CA ARG A 44 5.17 12.27 4.09
C ARG A 44 4.08 13.26 3.71
N HIS A 45 4.47 14.41 3.17
CA HIS A 45 3.53 15.45 2.79
C HIS A 45 2.48 14.93 1.81
N SER A 46 2.93 14.16 0.82
CA SER A 46 2.02 13.60 -0.19
C SER A 46 0.79 12.98 0.45
N ILE A 47 0.96 12.42 1.65
CA ILE A 47 -0.14 11.78 2.37
C ILE A 47 -0.75 12.73 3.41
N ALA A 48 0.03 13.70 3.85
CA ALA A 48 -0.43 14.66 4.85
C ALA A 48 -1.23 15.80 4.22
N GLN A 49 -1.35 15.78 2.90
CA GLN A 49 -2.08 16.82 2.19
C GLN A 49 -3.39 16.28 1.62
N LEU A 50 -3.72 15.05 1.99
CA LEU A 50 -4.95 14.40 1.52
C LEU A 50 -6.17 14.89 2.29
N ASP A 51 -7.22 14.08 2.29
CA ASP A 51 -8.45 14.42 2.99
C ASP A 51 -8.79 13.36 4.04
N PRO A 52 -9.63 13.70 5.03
CA PRO A 52 -10.03 12.76 6.09
C PRO A 52 -10.47 11.42 5.53
N GLU A 53 -11.21 11.46 4.42
CA GLU A 53 -11.71 10.25 3.79
C GLU A 53 -10.56 9.38 3.29
N ALA A 54 -9.54 10.03 2.72
CA ALA A 54 -8.37 9.30 2.20
C ALA A 54 -7.62 8.60 3.33
N LEU A 55 -7.38 9.32 4.42
CA LEU A 55 -6.67 8.75 5.57
C LEU A 55 -7.27 7.42 5.98
N GLY A 56 -8.58 7.28 5.81
CA GLY A 56 -9.24 6.04 6.16
C GLY A 56 -8.83 4.89 5.25
N ASN A 57 -8.77 5.16 3.96
CA ASN A 57 -8.38 4.15 2.98
C ASN A 57 -6.94 3.70 3.19
N ILE A 58 -6.08 4.64 3.56
CA ILE A 58 -4.66 4.33 3.80
C ILE A 58 -4.49 3.49 5.06
N LYS A 59 -4.95 4.02 6.19
CA LYS A 59 -4.85 3.32 7.47
C LYS A 59 -5.32 1.88 7.36
N LYS A 60 -6.47 1.67 6.71
CA LYS A 60 -7.02 0.33 6.54
C LYS A 60 -6.16 -0.49 5.59
N LEU A 61 -5.59 0.18 4.60
CA LEU A 61 -4.75 -0.47 3.60
C LEU A 61 -3.56 -1.18 4.26
N SER A 62 -2.83 -0.45 5.09
CA SER A 62 -1.66 -1.00 5.77
C SER A 62 -2.05 -1.90 6.93
N ASN A 63 -3.19 -1.62 7.56
CA ASN A 63 -3.65 -2.41 8.70
C ASN A 63 -3.98 -3.84 8.28
N ARG A 64 -4.88 -3.99 7.31
CA ARG A 64 -5.28 -5.31 6.84
C ARG A 64 -4.12 -6.04 6.16
N LEU A 65 -3.35 -5.30 5.35
CA LEU A 65 -2.22 -5.89 4.63
C LEU A 65 -1.21 -6.49 5.61
N ALA A 66 -0.86 -5.73 6.65
CA ALA A 66 0.10 -6.19 7.65
C ALA A 66 -0.44 -7.40 8.40
N GLN A 67 -1.74 -7.41 8.66
CA GLN A 67 -2.38 -8.51 9.38
C GLN A 67 -2.21 -9.83 8.63
N ILE A 68 -2.56 -9.82 7.34
CA ILE A 68 -2.46 -11.02 6.52
C ILE A 68 -1.00 -11.49 6.40
N CYS A 69 -0.09 -10.53 6.28
CA CYS A 69 1.33 -10.83 6.15
C CYS A 69 1.88 -11.44 7.44
N SER A 70 1.05 -11.50 8.47
CA SER A 70 1.46 -12.06 9.75
C SER A 70 1.20 -13.57 9.79
N SER A 71 0.29 -14.03 8.94
CA SER A 71 -0.06 -15.45 8.88
C SER A 71 0.79 -16.16 7.84
N ILE A 72 1.70 -15.44 7.22
CA ILE A 72 2.58 -16.02 6.20
C ILE A 72 3.89 -16.49 6.83
N ARG A 73 4.49 -17.51 6.22
CA ARG A 73 5.74 -18.06 6.73
C ARG A 73 6.79 -18.14 5.62
N THR A 74 7.92 -17.49 5.84
CA THR A 74 9.00 -17.48 4.86
C THR A 74 10.02 -18.57 5.16
N HIS A 75 10.47 -18.63 6.42
CA HIS A 75 11.45 -19.64 6.82
C HIS A 75 10.76 -20.78 7.57
N LYS A 76 10.86 -21.98 7.00
CA LYS A 76 10.25 -23.16 7.60
C LYS A 76 11.14 -23.75 8.69
N SER B 20 -10.33 4.00 -12.01
CA SER B 20 -9.91 5.12 -11.19
C SER B 20 -10.76 5.23 -9.93
N LYS B 21 -10.48 6.25 -9.11
CA LYS B 21 -11.21 6.48 -7.88
C LYS B 21 -11.08 5.31 -6.92
N GLU B 22 -10.19 4.38 -7.25
CA GLU B 22 -9.97 3.20 -6.41
C GLU B 22 -8.48 3.04 -6.08
N ILE B 23 -8.20 2.62 -4.85
CA ILE B 23 -6.82 2.42 -4.42
C ILE B 23 -6.44 0.95 -4.51
N PHE B 24 -5.27 0.68 -5.08
CA PHE B 24 -4.78 -0.68 -5.22
C PHE B 24 -3.26 -0.73 -5.24
N LEU B 25 -2.71 -1.93 -5.06
CA LEU B 25 -1.26 -2.13 -5.05
C LEU B 25 -0.85 -2.99 -6.23
N THR B 26 0.24 -2.59 -6.89
CA THR B 26 0.74 -3.33 -8.05
C THR B 26 2.06 -4.02 -7.72
N VAL B 27 1.98 -5.31 -7.42
CA VAL B 27 3.17 -6.10 -7.09
C VAL B 27 3.55 -7.04 -8.24
N PRO B 28 4.62 -6.71 -8.98
CA PRO B 28 5.05 -7.54 -10.11
C PRO B 28 5.50 -8.94 -9.67
N VAL B 29 4.74 -9.95 -10.08
CA VAL B 29 5.05 -11.33 -9.74
C VAL B 29 6.36 -11.77 -10.36
N GLY B 30 7.36 -12.02 -9.51
CA GLY B 30 8.66 -12.46 -9.99
C GLY B 30 9.34 -11.41 -10.86
N GLY B 31 9.21 -11.55 -12.18
CA GLY B 31 9.82 -10.59 -13.09
C GLY B 31 9.17 -10.61 -14.46
N GLY B 32 8.05 -9.93 -14.59
CA GLY B 32 7.35 -9.87 -15.86
C GLY B 32 5.96 -9.28 -15.74
N GLU B 33 5.01 -10.09 -15.30
CA GLU B 33 3.63 -9.65 -15.14
C GLU B 33 3.42 -8.99 -13.78
N SER B 34 2.31 -8.27 -13.64
CA SER B 34 1.99 -7.59 -12.39
C SER B 34 0.60 -7.97 -11.90
N LEU B 35 0.46 -8.07 -10.58
CA LEU B 35 -0.83 -8.44 -9.98
C LEU B 35 -1.61 -7.19 -9.58
N ARG B 36 -2.88 -7.16 -9.98
CA ARG B 36 -3.76 -6.04 -9.66
C ARG B 36 -4.68 -6.40 -8.50
N LEU B 37 -4.39 -5.85 -7.32
CA LEU B 37 -5.19 -6.12 -6.14
C LEU B 37 -5.70 -4.83 -5.51
N LEU B 38 -7.02 -4.73 -5.41
CA LEU B 38 -7.65 -3.55 -4.83
C LEU B 38 -7.69 -3.64 -3.30
N ALA B 39 -7.42 -2.53 -2.64
CA ALA B 39 -7.41 -2.47 -1.19
C ALA B 39 -8.78 -2.80 -0.61
N SER B 40 -9.83 -2.40 -1.33
CA SER B 40 -11.21 -2.66 -0.89
C SER B 40 -11.50 -4.16 -0.91
N ASP B 41 -10.70 -4.90 -1.67
CA ASP B 41 -10.86 -6.33 -1.79
C ASP B 41 -9.51 -7.04 -1.67
N LEU B 42 -8.79 -6.74 -0.60
CA LEU B 42 -7.47 -7.32 -0.35
C LEU B 42 -7.54 -8.85 -0.38
N GLN B 43 -6.73 -9.46 -1.24
CA GLN B 43 -6.70 -10.91 -1.37
C GLN B 43 -5.45 -11.48 -0.72
N ARG B 44 -5.64 -12.49 0.12
CA ARG B 44 -4.54 -13.14 0.83
C ARG B 44 -3.61 -13.90 -0.12
N HIS B 45 -4.19 -14.81 -0.90
CA HIS B 45 -3.41 -15.62 -1.84
C HIS B 45 -2.63 -14.75 -2.82
N SER B 46 -3.27 -13.71 -3.34
CA SER B 46 -2.62 -12.80 -4.29
C SER B 46 -1.24 -12.38 -3.80
N ILE B 47 -1.08 -12.27 -2.48
CA ILE B 47 0.19 -11.87 -1.89
C ILE B 47 1.00 -13.08 -1.43
N ALA B 48 0.32 -14.19 -1.15
CA ALA B 48 0.97 -15.40 -0.69
C ALA B 48 1.53 -16.22 -1.84
N GLN B 49 1.31 -15.75 -3.07
CA GLN B 49 1.80 -16.46 -4.25
C GLN B 49 2.95 -15.69 -4.91
N LEU B 50 3.42 -14.65 -4.24
CA LEU B 50 4.51 -13.84 -4.75
C LEU B 50 5.87 -14.50 -4.52
N ASP B 51 6.92 -13.69 -4.52
CA ASP B 51 8.27 -14.20 -4.32
C ASP B 51 8.91 -13.54 -3.09
N PRO B 52 9.96 -14.16 -2.51
CA PRO B 52 10.65 -13.62 -1.32
C PRO B 52 11.00 -12.15 -1.49
N GLU B 53 11.43 -11.78 -2.70
CA GLU B 53 11.80 -10.40 -2.99
C GLU B 53 10.60 -9.47 -2.85
N ALA B 54 9.45 -9.93 -3.32
CA ALA B 54 8.23 -9.13 -3.26
C ALA B 54 7.82 -8.88 -1.81
N LEU B 55 7.82 -9.93 -1.00
CA LEU B 55 7.45 -9.83 0.40
C LEU B 55 8.19 -8.69 1.08
N GLY B 56 9.42 -8.44 0.65
CA GLY B 56 10.21 -7.36 1.22
C GLY B 56 9.64 -5.99 0.89
N ASN B 57 9.24 -5.82 -0.36
CA ASN B 57 8.67 -4.55 -0.81
C ASN B 57 7.35 -4.25 -0.10
N ILE B 58 6.56 -5.30 0.13
CA ILE B 58 5.27 -5.14 0.80
C ILE B 58 5.45 -4.80 2.28
N LYS B 59 6.16 -5.67 3.00
CA LYS B 59 6.40 -5.45 4.42
C LYS B 59 6.91 -4.04 4.70
N LYS B 60 7.85 -3.58 3.90
CA LYS B 60 8.41 -2.23 4.07
C LYS B 60 7.39 -1.17 3.69
N LEU B 61 6.56 -1.49 2.72
CA LEU B 61 5.52 -0.57 2.24
C LEU B 61 4.57 -0.19 3.38
N SER B 62 4.04 -1.19 4.06
CA SER B 62 3.10 -0.96 5.16
C SER B 62 3.81 -0.48 6.43
N ASN B 63 5.06 -0.91 6.60
CA ASN B 63 5.82 -0.54 7.79
C ASN B 63 6.10 0.96 7.82
N ARG B 64 6.74 1.47 6.77
CA ARG B 64 7.06 2.89 6.69
C ARG B 64 5.80 3.75 6.61
N LEU B 65 4.83 3.31 5.82
CA LEU B 65 3.58 4.05 5.66
C LEU B 65 2.88 4.24 7.00
N ALA B 66 2.76 3.16 7.76
CA ALA B 66 2.11 3.21 9.06
C ALA B 66 2.87 4.12 10.03
N GLN B 67 4.20 4.09 9.94
CA GLN B 67 5.04 4.90 10.81
C GLN B 67 4.75 6.39 10.62
N ILE B 68 4.76 6.84 9.36
CA ILE B 68 4.51 8.24 9.06
C ILE B 68 3.10 8.65 9.46
N CYS B 69 2.14 7.74 9.26
CA CYS B 69 0.74 8.01 9.60
C CYS B 69 0.57 8.13 11.11
N SER B 70 1.63 7.87 11.86
CA SER B 70 1.58 7.95 13.31
C SER B 70 1.91 9.36 13.80
N SER B 71 2.61 10.12 12.96
CA SER B 71 2.99 11.48 13.30
C SER B 71 1.94 12.48 12.81
N ILE B 72 0.86 11.97 12.23
CA ILE B 72 -0.20 12.82 11.72
C ILE B 72 -1.30 12.99 12.78
N ARG B 73 -1.98 14.13 12.74
CA ARG B 73 -3.05 14.43 13.69
C ARG B 73 -4.32 14.82 12.97
N THR B 74 -5.40 14.08 13.24
CA THR B 74 -6.69 14.36 12.62
C THR B 74 -7.55 15.25 13.52
N HIS B 75 -7.67 14.85 14.78
CA HIS B 75 -8.46 15.61 15.74
C HIS B 75 -7.56 16.47 16.63
N LYS B 76 -7.75 17.78 16.55
CA LYS B 76 -6.94 18.72 17.34
C LYS B 76 -7.51 18.85 18.75
N SER A 20 5.98 -1.59 -15.69
CA SER A 20 5.50 -1.66 -14.31
C SER A 20 6.38 -2.57 -13.47
N LYS A 21 7.46 -2.02 -12.95
CA LYS A 21 8.40 -2.78 -12.13
C LYS A 21 8.51 -2.17 -10.73
N GLU A 22 8.02 -0.94 -10.58
CA GLU A 22 8.07 -0.24 -9.31
C GLU A 22 6.71 -0.30 -8.61
N ILE A 23 6.73 -0.43 -7.29
CA ILE A 23 5.50 -0.49 -6.51
C ILE A 23 5.11 0.89 -6.01
N PHE A 24 3.83 1.23 -6.13
CA PHE A 24 3.34 2.53 -5.67
C PHE A 24 1.86 2.48 -5.31
N LEU A 25 1.39 3.54 -4.67
CA LEU A 25 -0.01 3.64 -4.26
C LEU A 25 -0.68 4.82 -4.97
N THR A 26 -1.95 4.66 -5.30
CA THR A 26 -2.70 5.71 -5.99
C THR A 26 -3.85 6.21 -5.13
N VAL A 27 -3.64 7.34 -4.45
CA VAL A 27 -4.65 7.94 -3.59
C VAL A 27 -5.24 9.19 -4.24
N PRO A 28 -6.54 9.16 -4.62
CA PRO A 28 -7.19 10.32 -5.25
C PRO A 28 -7.47 11.45 -4.27
N VAL A 29 -6.78 12.57 -4.47
CA VAL A 29 -6.96 13.74 -3.62
C VAL A 29 -8.41 14.20 -3.62
N GLY A 30 -9.06 14.08 -2.46
CA GLY A 30 -10.45 14.48 -2.34
C GLY A 30 -11.37 13.67 -3.24
N GLY A 31 -11.61 14.18 -4.45
CA GLY A 31 -12.48 13.49 -5.38
C GLY A 31 -12.31 13.98 -6.81
N GLY A 32 -11.13 13.76 -7.38
CA GLY A 32 -10.86 14.20 -8.73
C GLY A 32 -9.55 13.67 -9.28
N GLU A 33 -8.46 14.40 -8.99
CA GLU A 33 -7.14 13.99 -9.45
C GLU A 33 -6.56 12.89 -8.58
N SER A 34 -5.59 12.15 -9.12
CA SER A 34 -4.96 11.06 -8.39
C SER A 34 -3.48 11.34 -8.18
N LEU A 35 -2.99 11.06 -6.97
CA LEU A 35 -1.59 11.27 -6.65
C LEU A 35 -0.76 10.02 -6.91
N ARG A 36 0.42 10.22 -7.50
CA ARG A 36 1.31 9.11 -7.81
C ARG A 36 2.52 9.13 -6.88
N LEU A 37 2.51 8.24 -5.89
CA LEU A 37 3.61 8.17 -4.93
C LEU A 37 4.21 6.76 -4.91
N LEU A 38 5.52 6.70 -5.16
CA LEU A 38 6.22 5.42 -5.18
C LEU A 38 6.65 5.00 -3.77
N ALA A 39 6.67 3.69 -3.54
CA ALA A 39 7.06 3.15 -2.24
C ALA A 39 8.55 3.32 -2.01
N SER A 40 9.33 3.34 -3.09
CA SER A 40 10.78 3.51 -2.99
C SER A 40 11.10 4.89 -2.43
N ASP A 41 10.13 5.80 -2.52
CA ASP A 41 10.30 7.15 -2.02
C ASP A 41 9.02 7.62 -1.35
N LEU A 42 8.55 6.84 -0.39
CA LEU A 42 7.32 7.15 0.34
C LEU A 42 7.40 8.53 0.99
N GLN A 43 6.84 9.52 0.31
CA GLN A 43 6.84 10.90 0.80
C GLN A 43 5.79 11.07 1.90
N ARG A 44 6.22 11.58 3.04
CA ARG A 44 5.33 11.79 4.18
C ARG A 44 4.30 12.87 3.90
N HIS A 45 4.75 14.02 3.41
CA HIS A 45 3.85 15.13 3.11
C HIS A 45 2.80 14.73 2.09
N SER A 46 3.23 14.01 1.05
CA SER A 46 2.33 13.56 -0.01
C SER A 46 1.07 12.91 0.57
N ILE A 47 1.21 12.28 1.73
CA ILE A 47 0.08 11.62 2.38
C ILE A 47 -0.55 12.53 3.44
N ALA A 48 0.25 13.42 4.01
CA ALA A 48 -0.23 14.34 5.04
C ALA A 48 -0.98 15.53 4.43
N GLN A 49 -1.07 15.54 3.10
CA GLN A 49 -1.76 16.63 2.41
C GLN A 49 -3.06 16.14 1.78
N LEU A 50 -3.42 14.89 2.08
CA LEU A 50 -4.63 14.30 1.54
C LEU A 50 -5.87 14.81 2.26
N ASP A 51 -7.00 14.15 1.99
CA ASP A 51 -8.27 14.53 2.61
C ASP A 51 -8.69 13.50 3.66
N PRO A 52 -9.52 13.90 4.65
CA PRO A 52 -9.97 13.01 5.71
C PRO A 52 -10.45 11.66 5.19
N GLU A 53 -11.20 11.69 4.08
CA GLU A 53 -11.74 10.47 3.48
C GLU A 53 -10.61 9.56 3.00
N ALA A 54 -9.58 10.16 2.41
CA ALA A 54 -8.44 9.40 1.91
C ALA A 54 -7.61 8.82 3.05
N LEU A 55 -7.29 9.67 4.03
CA LEU A 55 -6.51 9.24 5.19
C LEU A 55 -7.08 7.96 5.81
N GLY A 56 -8.40 7.83 5.76
CA GLY A 56 -9.04 6.65 6.32
C GLY A 56 -8.73 5.41 5.51
N ASN A 57 -8.75 5.55 4.18
CA ASN A 57 -8.46 4.44 3.28
C ASN A 57 -7.06 3.88 3.51
N ILE A 58 -6.08 4.78 3.56
CA ILE A 58 -4.70 4.40 3.77
C ILE A 58 -4.54 3.54 5.03
N LYS A 59 -5.00 4.07 6.16
CA LYS A 59 -4.92 3.35 7.43
C LYS A 59 -5.44 1.92 7.30
N LYS A 60 -6.57 1.75 6.62
CA LYS A 60 -7.16 0.43 6.43
C LYS A 60 -6.29 -0.42 5.50
N LEU A 61 -5.66 0.23 4.53
CA LEU A 61 -4.80 -0.46 3.57
C LEU A 61 -3.62 -1.13 4.27
N SER A 62 -2.86 -0.33 5.02
CA SER A 62 -1.69 -0.83 5.73
C SER A 62 -2.07 -1.81 6.84
N ASN A 63 -3.06 -1.44 7.64
CA ASN A 63 -3.51 -2.29 8.75
C ASN A 63 -3.89 -3.69 8.26
N ARG A 64 -4.81 -3.77 7.31
CA ARG A 64 -5.26 -5.04 6.77
C ARG A 64 -4.11 -5.80 6.11
N LEU A 65 -3.27 -5.08 5.38
CA LEU A 65 -2.13 -5.67 4.69
C LEU A 65 -1.18 -6.36 5.67
N ALA A 66 -0.84 -5.65 6.75
CA ALA A 66 0.06 -6.20 7.76
C ALA A 66 -0.49 -7.48 8.35
N GLN A 67 -1.82 -7.57 8.45
CA GLN A 67 -2.48 -8.75 8.98
C GLN A 67 -2.11 -9.98 8.18
N ILE A 68 -2.21 -9.87 6.86
CA ILE A 68 -1.89 -10.98 5.97
C ILE A 68 -0.44 -11.43 6.15
N CYS A 69 0.48 -10.46 6.20
CA CYS A 69 1.89 -10.75 6.36
C CYS A 69 2.17 -11.43 7.70
N SER A 70 1.17 -11.43 8.58
CA SER A 70 1.33 -12.05 9.90
C SER A 70 1.03 -13.54 9.83
N SER A 71 0.15 -13.91 8.91
CA SER A 71 -0.23 -15.31 8.73
C SER A 71 0.72 -16.01 7.76
N ILE A 72 1.80 -15.31 7.40
CA ILE A 72 2.80 -15.85 6.48
C ILE A 72 4.16 -15.94 7.15
N ARG A 73 4.96 -16.92 6.74
CA ARG A 73 6.29 -17.10 7.30
C ARG A 73 7.36 -17.03 6.21
N THR A 74 8.62 -17.21 6.61
CA THR A 74 9.73 -17.15 5.67
C THR A 74 9.59 -18.22 4.59
N HIS A 75 9.67 -19.48 4.99
CA HIS A 75 9.55 -20.59 4.06
C HIS A 75 8.09 -20.85 3.69
N LYS A 76 7.88 -21.47 2.53
CA LYS A 76 6.53 -21.77 2.07
C LYS A 76 5.87 -22.82 2.96
N SER B 20 -9.63 6.57 -12.18
CA SER B 20 -8.83 6.19 -11.03
C SER B 20 -9.42 6.72 -9.74
N LYS B 21 -10.37 5.97 -9.18
CA LYS B 21 -11.03 6.37 -7.94
C LYS B 21 -10.81 5.32 -6.85
N GLU B 22 -10.37 4.13 -7.27
CA GLU B 22 -10.11 3.05 -6.33
C GLU B 22 -8.62 2.92 -6.02
N ILE B 23 -8.30 2.59 -4.77
CA ILE B 23 -6.92 2.44 -4.36
C ILE B 23 -6.49 0.98 -4.46
N PHE B 24 -5.30 0.76 -5.01
CA PHE B 24 -4.77 -0.59 -5.17
C PHE B 24 -3.25 -0.60 -5.20
N LEU B 25 -2.68 -1.80 -5.09
CA LEU B 25 -1.23 -1.97 -5.10
C LEU B 25 -0.81 -2.81 -6.31
N THR B 26 0.35 -2.49 -6.88
CA THR B 26 0.85 -3.21 -8.04
C THR B 26 2.16 -3.93 -7.73
N VAL B 27 2.07 -5.22 -7.45
CA VAL B 27 3.23 -6.02 -7.12
C VAL B 27 3.59 -6.97 -8.28
N PRO B 28 4.75 -6.75 -8.94
CA PRO B 28 5.17 -7.58 -10.07
C PRO B 28 5.64 -8.97 -9.64
N VAL B 29 4.87 -9.98 -10.03
CA VAL B 29 5.20 -11.37 -9.70
C VAL B 29 6.59 -11.74 -10.22
N GLY B 30 7.51 -11.98 -9.30
CA GLY B 30 8.86 -12.35 -9.67
C GLY B 30 9.57 -11.24 -10.44
N GLY B 31 9.47 -11.29 -11.76
CA GLY B 31 10.10 -10.28 -12.60
C GLY B 31 9.56 -10.28 -14.01
N GLY B 32 8.29 -9.93 -14.16
CA GLY B 32 7.67 -9.89 -15.47
C GLY B 32 6.28 -9.27 -15.45
N GLU B 33 5.28 -10.09 -15.17
CA GLU B 33 3.90 -9.61 -15.12
C GLU B 33 3.61 -8.89 -13.80
N SER B 34 2.58 -8.07 -13.80
CA SER B 34 2.19 -7.32 -12.61
C SER B 34 0.80 -7.72 -12.14
N LEU B 35 0.64 -7.87 -10.83
CA LEU B 35 -0.64 -8.25 -10.26
C LEU B 35 -1.45 -7.02 -9.87
N ARG B 36 -2.75 -7.06 -10.16
CA ARG B 36 -3.64 -5.95 -9.85
C ARG B 36 -4.58 -6.34 -8.71
N LEU B 37 -4.28 -5.85 -7.51
CA LEU B 37 -5.09 -6.15 -6.34
C LEU B 37 -5.61 -4.88 -5.69
N LEU B 38 -6.94 -4.78 -5.56
CA LEU B 38 -7.56 -3.60 -4.97
C LEU B 38 -7.61 -3.70 -3.46
N ALA B 39 -7.50 -2.56 -2.79
CA ALA B 39 -7.53 -2.50 -1.33
C ALA B 39 -8.93 -2.82 -0.81
N SER B 40 -9.94 -2.49 -1.59
CA SER B 40 -11.33 -2.76 -1.20
C SER B 40 -11.56 -4.25 -1.08
N ASP B 41 -10.70 -5.03 -1.72
CA ASP B 41 -10.79 -6.48 -1.69
C ASP B 41 -9.40 -7.10 -1.55
N LEU B 42 -8.67 -6.67 -0.53
CA LEU B 42 -7.32 -7.15 -0.29
C LEU B 42 -7.29 -8.67 -0.15
N GLN B 43 -6.97 -9.35 -1.25
CA GLN B 43 -6.91 -10.81 -1.26
C GLN B 43 -5.63 -11.30 -0.59
N ARG B 44 -5.78 -12.19 0.39
CA ARG B 44 -4.65 -12.73 1.13
C ARG B 44 -3.76 -13.60 0.24
N HIS B 45 -4.37 -14.54 -0.48
CA HIS B 45 -3.63 -15.43 -1.36
C HIS B 45 -2.85 -14.66 -2.42
N SER B 46 -3.50 -13.66 -3.01
CA SER B 46 -2.87 -12.83 -4.04
C SER B 46 -1.48 -12.37 -3.61
N ILE B 47 -1.30 -12.18 -2.31
CA ILE B 47 0.00 -11.74 -1.77
C ILE B 47 0.83 -12.91 -1.27
N ALA B 48 0.15 -13.98 -0.87
CA ALA B 48 0.83 -15.17 -0.36
C ALA B 48 1.35 -16.04 -1.51
N GLN B 49 1.11 -15.62 -2.75
CA GLN B 49 1.55 -16.37 -3.91
C GLN B 49 2.67 -15.63 -4.64
N LEU B 50 3.15 -14.54 -4.04
CA LEU B 50 4.21 -13.75 -4.64
C LEU B 50 5.58 -14.41 -4.46
N ASP B 51 6.63 -13.67 -4.76
CA ASP B 51 8.00 -14.17 -4.65
C ASP B 51 8.70 -13.54 -3.45
N PRO B 52 9.74 -14.22 -2.90
CA PRO B 52 10.48 -13.72 -1.74
C PRO B 52 10.88 -12.25 -1.88
N GLU B 53 11.33 -11.88 -3.08
CA GLU B 53 11.74 -10.50 -3.34
C GLU B 53 10.58 -9.54 -3.19
N ALA B 54 9.41 -9.95 -3.67
CA ALA B 54 8.21 -9.12 -3.58
C ALA B 54 7.72 -8.99 -2.14
N LEU B 55 7.63 -10.13 -1.46
CA LEU B 55 7.18 -10.16 -0.07
C LEU B 55 7.93 -9.15 0.78
N GLY B 56 9.21 -8.95 0.46
CA GLY B 56 10.01 -8.00 1.19
C GLY B 56 9.57 -6.57 0.96
N ASN B 57 9.25 -6.25 -0.28
CA ASN B 57 8.82 -4.92 -0.66
C ASN B 57 7.53 -4.54 0.08
N ILE B 58 6.56 -5.44 0.08
CA ILE B 58 5.28 -5.20 0.75
C ILE B 58 5.50 -4.83 2.22
N LYS B 59 6.20 -5.69 2.94
CA LYS B 59 6.47 -5.46 4.36
C LYS B 59 7.00 -4.05 4.60
N LYS B 60 7.92 -3.61 3.76
CA LYS B 60 8.51 -2.28 3.89
C LYS B 60 7.48 -1.20 3.56
N LEU B 61 6.61 -1.51 2.60
CA LEU B 61 5.56 -0.57 2.19
C LEU B 61 4.62 -0.24 3.35
N SER B 62 4.04 -1.27 3.95
CA SER B 62 3.11 -1.09 5.05
C SER B 62 3.79 -0.54 6.30
N ASN B 63 4.95 -1.10 6.65
CA ASN B 63 5.69 -0.67 7.83
C ASN B 63 6.00 0.83 7.77
N ARG B 64 6.66 1.26 6.70
CA ARG B 64 7.01 2.66 6.54
C ARG B 64 5.76 3.55 6.48
N LEU B 65 4.74 3.08 5.78
CA LEU B 65 3.49 3.82 5.64
C LEU B 65 2.86 4.10 7.00
N ALA B 66 2.76 3.05 7.83
CA ALA B 66 2.17 3.17 9.16
C ALA B 66 2.91 4.21 9.99
N GLN B 67 4.22 4.32 9.78
CA GLN B 67 5.05 5.27 10.50
C GLN B 67 4.53 6.69 10.29
N ILE B 68 4.31 7.03 9.03
CA ILE B 68 3.83 8.36 8.67
C ILE B 68 2.49 8.66 9.35
N CYS B 69 1.57 7.70 9.29
CA CYS B 69 0.26 7.85 9.90
C CYS B 69 0.35 8.02 11.41
N SER B 70 1.53 7.76 11.96
CA SER B 70 1.74 7.89 13.40
C SER B 70 2.08 9.33 13.76
N SER B 71 2.73 10.04 12.84
CA SER B 71 3.11 11.43 13.06
C SER B 71 1.97 12.36 12.66
N ILE B 72 0.81 11.79 12.37
CA ILE B 72 -0.35 12.56 11.96
C ILE B 72 -1.51 12.35 12.94
N ARG B 73 -2.34 13.38 13.10
CA ARG B 73 -3.48 13.31 14.01
C ARG B 73 -4.78 13.56 13.27
N THR B 74 -5.90 13.54 14.00
CA THR B 74 -7.21 13.76 13.42
C THR B 74 -7.29 15.13 12.75
N HIS B 75 -7.21 16.18 13.58
CA HIS B 75 -7.28 17.55 13.07
C HIS B 75 -5.95 17.97 12.46
N LYS B 76 -6.00 18.96 11.57
CA LYS B 76 -4.80 19.47 10.91
C LYS B 76 -3.89 20.18 11.91
N SER A 20 5.56 -1.81 -15.24
CA SER A 20 5.78 -1.26 -13.90
C SER A 20 6.72 -2.15 -13.09
N LYS A 21 7.96 -1.70 -12.94
CA LYS A 21 8.95 -2.45 -12.18
C LYS A 21 9.01 -1.98 -10.73
N GLU A 22 8.45 -0.80 -10.47
CA GLU A 22 8.45 -0.24 -9.13
C GLU A 22 7.04 -0.30 -8.53
N ILE A 23 6.99 -0.44 -7.20
CA ILE A 23 5.71 -0.51 -6.49
C ILE A 23 5.30 0.86 -5.98
N PHE A 24 4.01 1.16 -6.06
CA PHE A 24 3.47 2.44 -5.59
C PHE A 24 1.99 2.34 -5.25
N LEU A 25 1.50 3.34 -4.54
CA LEU A 25 0.10 3.38 -4.13
C LEU A 25 -0.63 4.50 -4.88
N THR A 26 -1.88 4.26 -5.24
CA THR A 26 -2.67 5.24 -5.96
C THR A 26 -3.81 5.77 -5.10
N VAL A 27 -3.60 6.94 -4.50
CA VAL A 27 -4.61 7.56 -3.65
C VAL A 27 -5.20 8.80 -4.33
N PRO A 28 -6.40 8.68 -4.91
CA PRO A 28 -7.05 9.80 -5.61
C PRO A 28 -7.36 10.96 -4.67
N VAL A 29 -6.67 12.07 -4.88
CA VAL A 29 -6.87 13.27 -4.07
C VAL A 29 -8.35 13.68 -4.06
N GLY A 30 -9.00 13.49 -2.93
CA GLY A 30 -10.41 13.84 -2.81
C GLY A 30 -11.30 12.92 -3.61
N GLY A 31 -11.40 13.17 -4.92
CA GLY A 31 -12.22 12.35 -5.78
C GLY A 31 -12.13 12.76 -7.23
N GLY A 32 -11.03 12.39 -7.88
CA GLY A 32 -10.84 12.73 -9.28
C GLY A 32 -9.53 12.21 -9.84
N GLU A 33 -8.47 12.99 -9.67
CA GLU A 33 -7.15 12.62 -10.16
C GLU A 33 -6.43 11.70 -9.17
N SER A 34 -5.87 10.61 -9.69
CA SER A 34 -5.15 9.65 -8.85
C SER A 34 -3.69 10.06 -8.69
N LEU A 35 -3.15 9.86 -7.50
CA LEU A 35 -1.76 10.22 -7.22
C LEU A 35 -0.84 9.02 -7.49
N ARG A 36 0.46 9.28 -7.49
CA ARG A 36 1.44 8.24 -7.74
C ARG A 36 2.64 8.41 -6.81
N LEU A 37 2.67 7.60 -5.75
CA LEU A 37 3.75 7.67 -4.77
C LEU A 37 4.47 6.32 -4.67
N LEU A 38 5.72 6.29 -5.12
CA LEU A 38 6.51 5.06 -5.07
C LEU A 38 6.94 4.72 -3.65
N ALA A 39 6.90 3.43 -3.32
CA ALA A 39 7.27 2.96 -2.00
C ALA A 39 8.75 3.22 -1.72
N SER A 40 9.56 3.19 -2.76
CA SER A 40 11.00 3.43 -2.62
C SER A 40 11.27 4.82 -2.06
N ASP A 41 10.32 5.73 -2.32
CA ASP A 41 10.44 7.11 -1.83
C ASP A 41 9.14 7.56 -1.19
N LEU A 42 8.73 6.84 -0.15
CA LEU A 42 7.49 7.15 0.56
C LEU A 42 7.53 8.57 1.12
N GLN A 43 6.91 9.50 0.38
CA GLN A 43 6.88 10.89 0.80
C GLN A 43 5.81 11.10 1.87
N ARG A 44 6.23 11.70 2.98
CA ARG A 44 5.32 11.95 4.11
C ARG A 44 4.24 12.98 3.75
N HIS A 45 4.66 14.10 3.16
CA HIS A 45 3.71 15.15 2.79
C HIS A 45 2.68 14.65 1.79
N SER A 46 3.13 13.85 0.83
CA SER A 46 2.23 13.31 -0.19
C SER A 46 0.97 12.70 0.43
N ILE A 47 1.12 12.14 1.63
CA ILE A 47 -0.01 11.53 2.33
C ILE A 47 -0.63 12.50 3.33
N ALA A 48 0.15 13.48 3.76
CA ALA A 48 -0.32 14.46 4.73
C ALA A 48 -1.04 15.62 4.04
N GLN A 49 -1.12 15.57 2.72
CA GLN A 49 -1.79 16.61 1.95
C GLN A 49 -3.09 16.11 1.34
N LEU A 50 -3.43 14.85 1.65
CA LEU A 50 -4.64 14.24 1.14
C LEU A 50 -5.89 14.77 1.85
N ASP A 51 -6.99 14.08 1.66
CA ASP A 51 -8.26 14.46 2.27
C ASP A 51 -8.55 13.61 3.51
N PRO A 52 -9.42 14.10 4.42
CA PRO A 52 -9.77 13.36 5.65
C PRO A 52 -10.22 11.94 5.35
N GLU A 53 -11.00 11.79 4.29
CA GLU A 53 -11.51 10.47 3.90
C GLU A 53 -10.37 9.57 3.43
N ALA A 54 -9.36 10.17 2.81
CA ALA A 54 -8.22 9.42 2.31
C ALA A 54 -7.40 8.83 3.45
N LEU A 55 -7.07 9.68 4.42
CA LEU A 55 -6.29 9.24 5.57
C LEU A 55 -6.88 7.97 6.19
N GLY A 56 -8.21 7.88 6.14
CA GLY A 56 -8.88 6.72 6.71
C GLY A 56 -8.67 5.45 5.91
N ASN A 57 -8.84 5.53 4.59
CA ASN A 57 -8.67 4.36 3.73
C ASN A 57 -7.22 3.87 3.75
N ILE A 58 -6.29 4.79 3.89
CA ILE A 58 -4.86 4.44 3.94
C ILE A 58 -4.55 3.62 5.18
N LYS A 59 -4.88 4.17 6.35
CA LYS A 59 -4.64 3.49 7.62
C LYS A 59 -5.16 2.06 7.57
N LYS A 60 -6.32 1.86 6.96
CA LYS A 60 -6.92 0.54 6.84
C LYS A 60 -6.12 -0.34 5.88
N LEU A 61 -5.58 0.28 4.84
CA LEU A 61 -4.78 -0.43 3.84
C LEU A 61 -3.57 -1.10 4.48
N SER A 62 -2.80 -0.30 5.22
CA SER A 62 -1.59 -0.81 5.88
C SER A 62 -1.94 -1.71 7.07
N ASN A 63 -3.02 -1.39 7.77
CA ASN A 63 -3.43 -2.17 8.93
C ASN A 63 -3.80 -3.61 8.53
N ARG A 64 -4.74 -3.74 7.61
CA ARG A 64 -5.19 -5.05 7.14
C ARG A 64 -4.06 -5.82 6.46
N LEU A 65 -3.29 -5.13 5.63
CA LEU A 65 -2.19 -5.76 4.90
C LEU A 65 -1.16 -6.36 5.85
N ALA A 66 -0.76 -5.58 6.85
CA ALA A 66 0.23 -6.04 7.82
C ALA A 66 -0.31 -7.21 8.65
N GLN A 67 -1.59 -7.15 8.96
CA GLN A 67 -2.23 -8.20 9.76
C GLN A 67 -2.21 -9.55 9.04
N ILE A 68 -2.70 -9.57 7.80
CA ILE A 68 -2.75 -10.80 7.02
C ILE A 68 -1.34 -11.27 6.62
N CYS A 69 -0.46 -10.34 6.31
CA CYS A 69 0.90 -10.66 5.92
C CYS A 69 1.70 -11.26 7.08
N SER A 70 1.05 -11.36 8.24
CA SER A 70 1.71 -11.90 9.43
C SER A 70 1.57 -13.42 9.48
N SER A 71 0.72 -13.96 8.61
CA SER A 71 0.49 -15.40 8.57
C SER A 71 1.23 -16.03 7.39
N ILE A 72 2.07 -15.24 6.73
CA ILE A 72 2.84 -15.74 5.58
C ILE A 72 3.97 -16.66 6.03
N ARG A 73 4.09 -17.80 5.36
CA ARG A 73 5.13 -18.77 5.69
C ARG A 73 6.35 -18.58 4.79
N THR A 74 7.53 -18.48 5.41
CA THR A 74 8.77 -18.30 4.68
C THR A 74 9.41 -19.64 4.34
N HIS A 75 8.59 -20.58 3.87
CA HIS A 75 9.07 -21.91 3.51
C HIS A 75 8.56 -22.32 2.13
N LYS A 76 7.90 -21.40 1.45
CA LYS A 76 7.36 -21.66 0.12
C LYS A 76 7.34 -20.38 -0.72
N SER B 20 -9.15 6.61 -11.80
CA SER B 20 -9.04 5.63 -10.73
C SER B 20 -9.70 6.15 -9.46
N LYS B 21 -10.88 5.61 -9.16
CA LYS B 21 -11.63 6.02 -7.97
C LYS B 21 -11.33 5.08 -6.80
N GLU B 22 -10.79 3.91 -7.10
CA GLU B 22 -10.46 2.93 -6.07
C GLU B 22 -8.95 2.85 -5.85
N ILE B 23 -8.56 2.53 -4.63
CA ILE B 23 -7.14 2.42 -4.28
C ILE B 23 -6.68 0.97 -4.38
N PHE B 24 -5.46 0.77 -4.88
CA PHE B 24 -4.89 -0.55 -5.03
C PHE B 24 -3.36 -0.51 -5.06
N LEU B 25 -2.74 -1.67 -4.87
CA LEU B 25 -1.29 -1.78 -4.88
C LEU B 25 -0.82 -2.54 -6.12
N THR B 26 0.31 -2.13 -6.67
CA THR B 26 0.85 -2.79 -7.86
C THR B 26 2.14 -3.53 -7.55
N VAL B 27 2.04 -4.83 -7.34
CA VAL B 27 3.20 -5.66 -7.04
C VAL B 27 3.54 -6.56 -8.22
N PRO B 28 4.57 -6.19 -9.02
CA PRO B 28 4.97 -6.98 -10.19
C PRO B 28 5.46 -8.37 -9.81
N VAL B 29 4.69 -9.38 -10.22
CA VAL B 29 5.04 -10.76 -9.93
C VAL B 29 6.44 -11.09 -10.44
N GLY B 30 7.37 -11.27 -9.51
CA GLY B 30 8.75 -11.57 -9.88
C GLY B 30 9.44 -10.39 -10.51
N GLY B 31 9.20 -10.18 -11.80
CA GLY B 31 9.82 -9.08 -12.51
C GLY B 31 9.34 -8.96 -13.95
N GLY B 32 8.12 -8.46 -14.14
CA GLY B 32 7.58 -8.30 -15.47
C GLY B 32 6.20 -7.69 -15.48
N GLU B 33 5.18 -8.53 -15.31
CA GLU B 33 3.80 -8.07 -15.30
C GLU B 33 3.39 -7.59 -13.91
N SER B 34 2.77 -6.41 -13.87
CA SER B 34 2.32 -5.82 -12.60
C SER B 34 0.93 -6.33 -12.24
N LEU B 35 0.73 -6.59 -10.94
CA LEU B 35 -0.56 -7.07 -10.45
C LEU B 35 -1.47 -5.90 -10.07
N ARG B 36 -2.74 -6.21 -9.84
CA ARG B 36 -3.72 -5.19 -9.46
C ARG B 36 -4.64 -5.71 -8.37
N LEU B 37 -4.36 -5.32 -7.13
CA LEU B 37 -5.17 -5.76 -5.99
C LEU B 37 -5.78 -4.56 -5.27
N LEU B 38 -7.10 -4.44 -5.34
CA LEU B 38 -7.81 -3.33 -4.69
C LEU B 38 -7.85 -3.52 -3.18
N ALA B 39 -7.66 -2.42 -2.45
CA ALA B 39 -7.67 -2.44 -1.00
C ALA B 39 -9.04 -2.84 -0.45
N SER B 40 -10.09 -2.51 -1.19
CA SER B 40 -11.45 -2.85 -0.78
C SER B 40 -11.63 -4.36 -0.68
N ASP B 41 -10.83 -5.08 -1.45
CA ASP B 41 -10.88 -6.54 -1.45
C ASP B 41 -9.48 -7.12 -1.35
N LEU B 42 -8.78 -6.78 -0.27
CA LEU B 42 -7.43 -7.26 -0.05
C LEU B 42 -7.38 -8.79 -0.02
N GLN B 43 -7.01 -9.37 -1.14
CA GLN B 43 -6.92 -10.83 -1.27
C GLN B 43 -5.64 -11.34 -0.61
N ARG B 44 -5.78 -12.29 0.29
CA ARG B 44 -4.64 -12.87 1.00
C ARG B 44 -3.73 -13.66 0.06
N HIS B 45 -4.32 -14.54 -0.75
CA HIS B 45 -3.56 -15.36 -1.69
C HIS B 45 -2.78 -14.50 -2.69
N SER B 46 -3.42 -13.45 -3.17
CA SER B 46 -2.79 -12.55 -4.14
C SER B 46 -1.40 -12.13 -3.69
N ILE B 47 -1.20 -12.01 -2.37
CA ILE B 47 0.09 -11.63 -1.82
C ILE B 47 0.90 -12.85 -1.40
N ALA B 48 0.21 -13.96 -1.14
CA ALA B 48 0.87 -15.18 -0.71
C ALA B 48 1.34 -16.01 -1.91
N GLN B 49 1.08 -15.50 -3.11
CA GLN B 49 1.49 -16.19 -4.33
C GLN B 49 2.61 -15.45 -5.04
N LEU B 50 3.08 -14.36 -4.42
CA LEU B 50 4.15 -13.56 -4.98
C LEU B 50 5.51 -14.24 -4.83
N ASP B 51 6.56 -13.47 -5.05
CA ASP B 51 7.93 -13.97 -4.94
C ASP B 51 8.56 -13.58 -3.61
N PRO B 52 9.60 -14.32 -3.16
CA PRO B 52 10.27 -14.03 -1.88
C PRO B 52 10.70 -12.57 -1.79
N GLU B 53 11.20 -12.02 -2.89
CA GLU B 53 11.65 -10.63 -2.92
C GLU B 53 10.47 -9.67 -2.76
N ALA B 54 9.31 -10.08 -3.27
CA ALA B 54 8.11 -9.25 -3.18
C ALA B 54 7.64 -9.12 -1.74
N LEU B 55 7.51 -10.27 -1.06
CA LEU B 55 7.07 -10.28 0.33
C LEU B 55 7.86 -9.28 1.16
N GLY B 56 9.12 -9.10 0.82
CA GLY B 56 9.98 -8.18 1.56
C GLY B 56 9.62 -6.73 1.32
N ASN B 57 9.46 -6.35 0.06
CA ASN B 57 9.12 -4.97 -0.28
C ASN B 57 7.75 -4.57 0.26
N ILE B 58 6.84 -5.54 0.31
CA ILE B 58 5.49 -5.29 0.82
C ILE B 58 5.54 -4.95 2.31
N LYS B 59 6.12 -5.85 3.10
CA LYS B 59 6.24 -5.65 4.54
C LYS B 59 6.79 -4.26 4.86
N LYS B 60 7.77 -3.83 4.07
CA LYS B 60 8.38 -2.52 4.27
C LYS B 60 7.41 -1.40 3.89
N LEU B 61 6.59 -1.65 2.88
CA LEU B 61 5.60 -0.68 2.42
C LEU B 61 4.62 -0.33 3.53
N SER B 62 4.02 -1.36 4.13
CA SER B 62 3.05 -1.17 5.20
C SER B 62 3.71 -0.71 6.49
N ASN B 63 4.92 -1.19 6.75
CA ASN B 63 5.65 -0.84 7.97
C ASN B 63 5.97 0.66 8.00
N ARG B 64 6.65 1.15 6.97
CA ARG B 64 7.03 2.55 6.88
C ARG B 64 5.80 3.46 6.81
N LEU B 65 4.82 3.06 6.01
CA LEU B 65 3.59 3.84 5.85
C LEU B 65 2.87 4.04 7.18
N ALA B 66 2.69 2.95 7.91
CA ALA B 66 2.00 3.00 9.19
C ALA B 66 2.77 3.84 10.21
N GLN B 67 4.10 3.75 10.15
CA GLN B 67 4.96 4.49 11.07
C GLN B 67 4.82 6.01 10.87
N ILE B 68 4.98 6.46 9.63
CA ILE B 68 4.87 7.88 9.33
C ILE B 68 3.45 8.40 9.49
N CYS B 69 2.47 7.58 9.11
CA CYS B 69 1.07 7.97 9.21
C CYS B 69 0.62 8.09 10.67
N SER B 70 1.54 7.82 11.59
CA SER B 70 1.22 7.90 13.02
C SER B 70 1.44 9.31 13.55
N SER B 71 2.07 10.15 12.74
CA SER B 71 2.34 11.54 13.12
C SER B 71 1.37 12.49 12.44
N ILE B 72 0.34 11.94 11.80
CA ILE B 72 -0.66 12.75 11.12
C ILE B 72 -1.60 13.42 12.12
N ARG B 73 -1.84 14.70 11.93
CA ARG B 73 -2.72 15.46 12.82
C ARG B 73 -4.14 15.52 12.25
N THR B 74 -5.12 15.17 13.08
CA THR B 74 -6.51 15.20 12.66
C THR B 74 -7.16 16.54 12.97
N HIS B 75 -6.45 17.62 12.66
CA HIS B 75 -6.94 18.97 12.90
C HIS B 75 -6.79 19.85 11.67
N LYS B 76 -6.36 19.23 10.57
CA LYS B 76 -6.16 19.96 9.31
C LYS B 76 -6.40 19.06 8.11
N SER A 20 4.42 -2.77 -14.93
CA SER A 20 5.46 -2.02 -14.25
C SER A 20 6.14 -2.88 -13.18
N LYS A 21 7.45 -2.72 -13.05
CA LYS A 21 8.22 -3.48 -12.06
C LYS A 21 8.42 -2.67 -10.79
N GLU A 22 7.73 -1.53 -10.70
CA GLU A 22 7.82 -0.67 -9.53
C GLU A 22 6.51 -0.68 -8.75
N ILE A 23 6.61 -0.71 -7.43
CA ILE A 23 5.43 -0.73 -6.57
C ILE A 23 5.09 0.67 -6.06
N PHE A 24 3.82 1.05 -6.19
CA PHE A 24 3.37 2.37 -5.75
C PHE A 24 1.89 2.35 -5.38
N LEU A 25 1.44 3.42 -4.74
CA LEU A 25 0.05 3.55 -4.33
C LEU A 25 -0.62 4.74 -5.03
N THR A 26 -1.90 4.58 -5.36
CA THR A 26 -2.65 5.65 -6.02
C THR A 26 -3.78 6.16 -5.15
N VAL A 27 -3.57 7.33 -4.54
CA VAL A 27 -4.56 7.94 -3.67
C VAL A 27 -5.14 9.20 -4.29
N PRO A 28 -6.46 9.21 -4.60
CA PRO A 28 -7.11 10.37 -5.22
C PRO A 28 -7.31 11.51 -4.23
N VAL A 29 -6.62 12.62 -4.46
CA VAL A 29 -6.73 13.79 -3.60
C VAL A 29 -8.13 14.38 -3.64
N GLY A 30 -8.81 14.35 -2.50
CA GLY A 30 -10.16 14.88 -2.41
C GLY A 30 -11.14 14.11 -3.27
N GLY A 31 -11.35 14.59 -4.50
CA GLY A 31 -12.27 13.92 -5.40
C GLY A 31 -12.07 14.34 -6.84
N GLY A 32 -10.94 13.94 -7.43
CA GLY A 32 -10.66 14.29 -8.82
C GLY A 32 -9.33 13.76 -9.29
N GLU A 33 -8.25 14.47 -8.97
CA GLU A 33 -6.91 14.07 -9.38
C GLU A 33 -6.37 12.96 -8.47
N SER A 34 -5.38 12.23 -8.96
CA SER A 34 -4.77 11.15 -8.19
C SER A 34 -3.28 11.38 -8.00
N LEU A 35 -2.77 11.03 -6.82
CA LEU A 35 -1.36 11.20 -6.52
C LEU A 35 -0.57 9.93 -6.80
N ARG A 36 0.55 10.08 -7.49
CA ARG A 36 1.41 8.95 -7.81
C ARG A 36 2.62 8.93 -6.87
N LEU A 37 2.59 8.03 -5.90
CA LEU A 37 3.67 7.92 -4.93
C LEU A 37 4.27 6.53 -4.91
N LEU A 38 5.58 6.45 -5.12
CA LEU A 38 6.29 5.18 -5.15
C LEU A 38 6.71 4.77 -3.74
N ALA A 39 6.63 3.47 -3.45
CA ALA A 39 7.00 2.94 -2.15
C ALA A 39 8.48 3.12 -1.88
N SER A 40 9.27 3.18 -2.95
CA SER A 40 10.72 3.35 -2.82
C SER A 40 11.04 4.76 -2.33
N ASP A 41 10.11 5.68 -2.55
CA ASP A 41 10.28 7.07 -2.14
C ASP A 41 9.02 7.58 -1.45
N LEU A 42 8.57 6.85 -0.43
CA LEU A 42 7.37 7.22 0.31
C LEU A 42 7.47 8.66 0.81
N GLN A 43 6.62 9.52 0.28
CA GLN A 43 6.60 10.93 0.66
C GLN A 43 5.64 11.18 1.82
N ARG A 44 6.13 11.86 2.85
CA ARG A 44 5.34 12.17 4.04
C ARG A 44 4.22 13.16 3.73
N HIS A 45 4.59 14.30 3.16
CA HIS A 45 3.61 15.34 2.83
C HIS A 45 2.54 14.83 1.86
N SER A 46 2.97 14.06 0.87
CA SER A 46 2.05 13.51 -0.13
C SER A 46 0.84 12.86 0.53
N ILE A 47 1.04 12.28 1.71
CA ILE A 47 -0.04 11.63 2.43
C ILE A 47 -0.65 12.57 3.48
N ALA A 48 0.15 13.54 3.93
CA ALA A 48 -0.31 14.49 4.93
C ALA A 48 -1.06 15.66 4.30
N GLN A 49 -1.15 15.65 2.97
CA GLN A 49 -1.85 16.72 2.25
C GLN A 49 -3.15 16.19 1.65
N LEU A 50 -3.48 14.95 1.97
CA LEU A 50 -4.70 14.32 1.48
C LEU A 50 -5.92 14.82 2.22
N ASP A 51 -7.01 14.05 2.15
CA ASP A 51 -8.26 14.42 2.81
C ASP A 51 -8.62 13.37 3.87
N PRO A 52 -9.44 13.74 4.87
CA PRO A 52 -9.86 12.82 5.93
C PRO A 52 -10.34 11.48 5.38
N GLU A 53 -11.08 11.52 4.27
CA GLU A 53 -11.59 10.31 3.65
C GLU A 53 -10.46 9.41 3.16
N ALA A 54 -9.46 10.03 2.53
CA ALA A 54 -8.32 9.28 2.01
C ALA A 54 -7.51 8.65 3.13
N LEU A 55 -7.18 9.46 4.15
CA LEU A 55 -6.40 8.98 5.28
C LEU A 55 -6.99 7.69 5.85
N GLY A 56 -8.30 7.57 5.78
CA GLY A 56 -8.96 6.38 6.29
C GLY A 56 -8.67 5.17 5.43
N ASN A 57 -8.71 5.35 4.11
CA ASN A 57 -8.44 4.28 3.17
C ASN A 57 -6.99 3.80 3.28
N ILE A 58 -6.08 4.74 3.58
CA ILE A 58 -4.67 4.40 3.72
C ILE A 58 -4.43 3.59 4.98
N LYS A 59 -4.82 4.14 6.13
CA LYS A 59 -4.65 3.47 7.41
C LYS A 59 -5.17 2.03 7.37
N LYS A 60 -6.34 1.84 6.76
CA LYS A 60 -6.93 0.51 6.66
C LYS A 60 -6.14 -0.37 5.69
N LEU A 61 -5.61 0.27 4.65
CA LEU A 61 -4.82 -0.44 3.64
C LEU A 61 -3.60 -1.10 4.28
N SER A 62 -2.85 -0.33 5.06
CA SER A 62 -1.65 -0.84 5.72
C SER A 62 -2.01 -1.71 6.94
N ASN A 63 -3.16 -1.45 7.54
CA ASN A 63 -3.59 -2.20 8.72
C ASN A 63 -3.91 -3.65 8.37
N ARG A 64 -4.83 -3.84 7.42
CA ARG A 64 -5.23 -5.18 6.99
C ARG A 64 -4.07 -5.91 6.33
N LEU A 65 -3.29 -5.19 5.54
CA LEU A 65 -2.15 -5.78 4.83
C LEU A 65 -1.14 -6.37 5.81
N ALA A 66 -0.77 -5.57 6.82
CA ALA A 66 0.19 -6.02 7.82
C ALA A 66 -0.29 -7.28 8.53
N GLN A 67 -1.60 -7.39 8.72
CA GLN A 67 -2.18 -8.55 9.39
C GLN A 67 -1.98 -9.82 8.56
N ILE A 68 -2.25 -9.72 7.26
CA ILE A 68 -2.10 -10.86 6.37
C ILE A 68 -0.64 -11.30 6.25
N CYS A 69 0.27 -10.34 6.18
CA CYS A 69 1.70 -10.64 6.07
C CYS A 69 2.22 -11.32 7.33
N SER A 70 1.37 -11.45 8.33
CA SER A 70 1.77 -12.08 9.59
C SER A 70 1.54 -13.59 9.53
N SER A 71 0.68 -14.03 8.62
CA SER A 71 0.38 -15.46 8.47
C SER A 71 1.27 -16.08 7.40
N ILE A 72 2.26 -15.33 6.92
CA ILE A 72 3.18 -15.81 5.91
C ILE A 72 4.54 -16.11 6.50
N ARG A 73 5.27 -17.05 5.91
CA ARG A 73 6.59 -17.42 6.40
C ARG A 73 7.68 -16.87 5.48
N THR A 74 8.34 -15.80 5.94
CA THR A 74 9.41 -15.18 5.16
C THR A 74 10.75 -15.83 5.46
N HIS A 75 11.65 -15.81 4.48
CA HIS A 75 12.97 -16.41 4.65
C HIS A 75 14.07 -15.43 4.22
N LYS A 76 13.75 -14.60 3.23
CA LYS A 76 14.70 -13.61 2.72
C LYS A 76 15.99 -14.27 2.24
N SER B 20 -7.91 7.47 -11.44
CA SER B 20 -8.79 6.49 -10.82
C SER B 20 -9.13 6.90 -9.38
N LYS B 21 -10.38 6.65 -8.99
CA LYS B 21 -10.84 6.99 -7.65
C LYS B 21 -10.73 5.79 -6.71
N GLU B 22 -10.10 4.72 -7.20
CA GLU B 22 -9.93 3.51 -6.40
C GLU B 22 -8.47 3.31 -6.03
N ILE B 23 -8.23 2.89 -4.79
CA ILE B 23 -6.87 2.67 -4.31
C ILE B 23 -6.48 1.20 -4.41
N PHE B 24 -5.30 0.93 -4.98
CA PHE B 24 -4.82 -0.43 -5.13
C PHE B 24 -3.29 -0.48 -5.18
N LEU B 25 -2.73 -1.68 -5.07
CA LEU B 25 -1.29 -1.86 -5.10
C LEU B 25 -0.88 -2.71 -6.30
N THR B 26 0.28 -2.40 -6.87
CA THR B 26 0.79 -3.13 -8.02
C THR B 26 2.07 -3.87 -7.68
N VAL B 27 1.97 -5.18 -7.48
CA VAL B 27 3.13 -6.00 -7.14
C VAL B 27 3.48 -6.95 -8.30
N PRO B 28 4.68 -6.79 -8.90
CA PRO B 28 5.10 -7.63 -10.03
C PRO B 28 5.51 -9.04 -9.57
N VAL B 29 4.72 -10.04 -9.98
CA VAL B 29 4.99 -11.43 -9.62
C VAL B 29 6.31 -11.90 -10.21
N GLY B 30 7.26 -12.23 -9.34
CA GLY B 30 8.56 -12.69 -9.79
C GLY B 30 9.32 -11.63 -10.54
N GLY B 31 9.19 -11.64 -11.87
CA GLY B 31 9.88 -10.67 -12.70
C GLY B 31 9.31 -10.59 -14.09
N GLY B 32 8.10 -10.07 -14.21
CA GLY B 32 7.45 -9.93 -15.50
C GLY B 32 6.08 -9.33 -15.42
N GLU B 33 5.08 -10.16 -15.10
CA GLU B 33 3.70 -9.70 -15.00
C GLU B 33 3.46 -9.00 -13.67
N SER B 34 2.40 -8.20 -13.61
CA SER B 34 2.05 -7.47 -12.39
C SER B 34 0.65 -7.82 -11.93
N LEU B 35 0.47 -7.92 -10.61
CA LEU B 35 -0.83 -8.25 -10.04
C LEU B 35 -1.60 -6.99 -9.66
N ARG B 36 -2.87 -6.95 -10.05
CA ARG B 36 -3.73 -5.82 -9.74
C ARG B 36 -4.65 -6.18 -8.58
N LEU B 37 -4.34 -5.66 -7.40
CA LEU B 37 -5.14 -5.93 -6.22
C LEU B 37 -5.66 -4.66 -5.58
N LEU B 38 -6.97 -4.58 -5.40
CA LEU B 38 -7.60 -3.41 -4.81
C LEU B 38 -7.63 -3.53 -3.29
N ALA B 39 -7.43 -2.40 -2.62
CA ALA B 39 -7.44 -2.36 -1.15
C ALA B 39 -8.82 -2.70 -0.61
N SER B 40 -9.86 -2.42 -1.39
CA SER B 40 -11.23 -2.69 -0.98
C SER B 40 -11.48 -4.19 -0.93
N ASP B 41 -10.67 -4.94 -1.67
CA ASP B 41 -10.78 -6.39 -1.73
C ASP B 41 -9.41 -7.05 -1.61
N LEU B 42 -8.69 -6.69 -0.54
CA LEU B 42 -7.37 -7.24 -0.30
C LEU B 42 -7.40 -8.76 -0.31
N GLN B 43 -6.74 -9.35 -1.30
CA GLN B 43 -6.70 -10.80 -1.43
C GLN B 43 -5.48 -11.39 -0.72
N ARG B 44 -5.73 -12.40 0.12
CA ARG B 44 -4.68 -13.05 0.89
C ARG B 44 -3.72 -13.82 -0.02
N HIS B 45 -4.27 -14.73 -0.83
CA HIS B 45 -3.46 -15.55 -1.73
C HIS B 45 -2.65 -14.68 -2.70
N SER B 46 -3.28 -13.65 -3.24
CA SER B 46 -2.61 -12.74 -4.18
C SER B 46 -1.25 -12.30 -3.67
N ILE B 47 -1.12 -12.17 -2.35
CA ILE B 47 0.14 -11.76 -1.74
C ILE B 47 0.95 -12.96 -1.27
N ALA B 48 0.25 -14.06 -1.00
CA ALA B 48 0.89 -15.28 -0.52
C ALA B 48 1.41 -16.13 -1.68
N GLN B 49 1.16 -15.66 -2.90
CA GLN B 49 1.61 -16.38 -4.10
C GLN B 49 2.74 -15.63 -4.78
N LEU B 50 3.20 -14.56 -4.15
CA LEU B 50 4.28 -13.74 -4.69
C LEU B 50 5.64 -14.41 -4.50
N ASP B 51 6.69 -13.62 -4.58
CA ASP B 51 8.05 -14.12 -4.42
C ASP B 51 8.72 -13.48 -3.20
N PRO B 52 9.75 -14.14 -2.62
CA PRO B 52 10.47 -13.61 -1.45
C PRO B 52 10.85 -12.14 -1.61
N GLU B 53 11.28 -11.78 -2.81
CA GLU B 53 11.67 -10.41 -3.10
C GLU B 53 10.50 -9.44 -2.95
N ALA B 54 9.34 -9.85 -3.48
CA ALA B 54 8.14 -9.02 -3.41
C ALA B 54 7.66 -8.85 -1.97
N LEU B 55 7.56 -9.97 -1.25
CA LEU B 55 7.12 -9.95 0.14
C LEU B 55 7.89 -8.91 0.94
N GLY B 56 9.15 -8.71 0.60
CA GLY B 56 9.96 -7.73 1.30
C GLY B 56 9.52 -6.30 1.00
N ASN B 57 9.21 -6.04 -0.26
CA ASN B 57 8.77 -4.71 -0.68
C ASN B 57 7.41 -4.37 -0.06
N ILE B 58 6.58 -5.39 0.13
CA ILE B 58 5.26 -5.20 0.73
C ILE B 58 5.37 -4.87 2.22
N LYS B 59 6.02 -5.77 2.95
CA LYS B 59 6.22 -5.57 4.40
C LYS B 59 6.77 -4.19 4.71
N LYS B 60 7.75 -3.74 3.94
CA LYS B 60 8.35 -2.43 4.14
C LYS B 60 7.38 -1.32 3.76
N LEU B 61 6.58 -1.58 2.74
CA LEU B 61 5.59 -0.62 2.26
C LEU B 61 4.60 -0.26 3.37
N SER B 62 4.04 -1.28 4.01
CA SER B 62 3.08 -1.09 5.09
C SER B 62 3.76 -0.67 6.39
N ASN B 63 5.02 -1.07 6.56
CA ASN B 63 5.76 -0.74 7.77
C ASN B 63 6.05 0.76 7.86
N ARG B 64 6.70 1.29 6.84
CA ARG B 64 7.03 2.72 6.81
C ARG B 64 5.78 3.59 6.74
N LEU B 65 4.79 3.13 5.98
CA LEU B 65 3.55 3.87 5.84
C LEU B 65 2.84 4.04 7.18
N ALA B 66 2.70 2.94 7.91
CA ALA B 66 2.04 2.96 9.21
C ALA B 66 2.74 3.93 10.17
N GLN B 67 4.06 4.04 10.04
CA GLN B 67 4.84 4.93 10.90
C GLN B 67 4.49 6.38 10.64
N ILE B 68 4.42 6.76 9.36
CA ILE B 68 4.11 8.12 8.96
C ILE B 68 2.69 8.51 9.39
N CYS B 69 1.75 7.58 9.23
CA CYS B 69 0.35 7.84 9.58
C CYS B 69 0.19 8.02 11.08
N SER B 70 1.28 7.85 11.83
CA SER B 70 1.24 7.99 13.27
C SER B 70 1.50 9.44 13.69
N SER B 71 2.12 10.20 12.79
CA SER B 71 2.43 11.61 13.06
C SER B 71 1.33 12.52 12.53
N ILE B 72 0.23 11.92 12.09
CA ILE B 72 -0.89 12.68 11.56
C ILE B 72 -2.06 12.69 12.56
N ARG B 73 -2.86 13.75 12.52
CA ARG B 73 -4.00 13.87 13.42
C ARG B 73 -5.31 13.61 12.68
N THR B 74 -5.88 12.42 12.89
CA THR B 74 -7.14 12.05 12.25
C THR B 74 -8.33 12.50 13.08
N HIS B 75 -9.44 12.78 12.41
CA HIS B 75 -10.65 13.22 13.09
C HIS B 75 -11.85 12.39 12.65
N LYS B 76 -11.84 11.97 11.39
CA LYS B 76 -12.93 11.17 10.83
C LYS B 76 -14.26 11.89 10.96
#